data_4BMK
#
_entry.id   4BMK
#
_cell.length_a   61.910
_cell.length_b   98.710
_cell.length_c   133.190
_cell.angle_alpha   90.00
_cell.angle_beta   90.00
_cell.angle_gamma   90.00
#
_symmetry.space_group_name_H-M   'P 21 21 21'
#
loop_
_entity.id
_entity.type
_entity.pdbx_description
1 polymer 'SERINE PALMITOYLTRANSFERASE'
2 non-polymer "PYRIDOXAL-5'-PHOSPHATE"
3 non-polymer 'Decarboxylated Myriocin'
4 non-polymer GLYCEROL
5 water water
#
_entity_poly.entity_id   1
_entity_poly.type   'polypeptide(L)'
_entity_poly.pdbx_seq_one_letter_code
;GSSHHHHHHSSGLVPRGSHMASTEAAAQPHALPADAPDIAPERDLLSKFDGLIAERQKLLDSGVTDPFAIVMEQVKSPTE
AVIRGKDTILLGTYNYMGMTFDPDVIAAGKEALEKFGSGTNGSRMLNGTFHDHMEVEQALRDFYGTTGAIVFSTGYMANL
GIISTLAGKGEYVILDADSHASIYDGCQQGNAEIVRFRHNSVEDLDKRLGRLPKEPAKLVVLEGVYSMLGDIAPLKEMVA
VAKKHGAMVLVDEAHSMGFFGPNGRGVYEAQGLEGQIDFVVGTFSASVGTVGGFVVSNHPKFEAVRLACRPYIFTASLPP
SVVATATTSIRKLMTAHEKRERLWSNARALHGGLKAMGFRLGTETCDSAIVAVMLEDQEQAAMMWQALLDGGLYVNMARP
PATPAGTFLLRCSICAEHTPAQIQTVLGMFQAAGRAVGVIGL
;
_entity_poly.pdbx_strand_id   A,B
#
loop_
_chem_comp.id
_chem_comp.type
_chem_comp.name
_chem_comp.formula
GOL non-polymer GLYCEROL 'C3 H8 O3'
MYB non-polymer 'Decarboxylated Myriocin' 'C20 H39 N O4'
PLP non-polymer PYRIDOXAL-5'-PHOSPHATE 'C8 H10 N O6 P'
#
# COMPACT_ATOMS: atom_id res chain seq x y z
N ARG A 43 -1.07 9.62 -31.30
CA ARG A 43 -0.41 9.51 -29.96
C ARG A 43 -1.36 9.88 -28.83
N ASP A 44 -1.23 9.20 -27.70
CA ASP A 44 -1.99 9.55 -26.49
C ASP A 44 -1.09 9.31 -25.26
N LEU A 45 -1.66 9.34 -24.06
CA LEU A 45 -0.85 9.15 -22.83
C LEU A 45 -0.15 7.79 -22.69
N LEU A 46 -0.55 6.80 -23.48
CA LEU A 46 0.06 5.45 -23.41
C LEU A 46 1.12 5.20 -24.50
N SER A 47 1.27 6.12 -25.44
CA SER A 47 2.31 5.99 -26.49
C SER A 47 3.69 5.87 -25.86
N LYS A 48 3.88 6.54 -24.73
CA LYS A 48 5.14 6.45 -23.97
C LYS A 48 5.52 5.04 -23.52
N PHE A 49 4.59 4.09 -23.57
CA PHE A 49 4.88 2.70 -23.19
C PHE A 49 5.26 1.81 -24.38
N ASP A 50 5.32 2.39 -25.59
CA ASP A 50 5.59 1.59 -26.79
C ASP A 50 6.95 0.85 -26.72
N GLY A 51 7.94 1.49 -26.12
CA GLY A 51 9.26 0.86 -25.91
C GLY A 51 9.19 -0.37 -25.03
N LEU A 52 8.52 -0.24 -23.88
CA LEU A 52 8.34 -1.39 -22.97
C LEU A 52 7.53 -2.53 -23.60
N ILE A 53 6.51 -2.16 -24.37
CA ILE A 53 5.67 -3.12 -25.03
C ILE A 53 6.51 -3.92 -26.02
N ALA A 54 7.39 -3.23 -26.75
CA ALA A 54 8.27 -3.88 -27.74
C ALA A 54 9.32 -4.78 -27.07
N GLU A 55 9.88 -4.33 -25.94
CA GLU A 55 10.82 -5.14 -25.16
C GLU A 55 10.18 -6.44 -24.69
N ARG A 56 8.97 -6.35 -24.15
CA ARG A 56 8.26 -7.56 -23.74
C ARG A 56 7.97 -8.48 -24.93
N GLN A 57 7.56 -7.90 -26.06
CA GLN A 57 7.20 -8.71 -27.20
C GLN A 57 8.40 -9.42 -27.79
N LYS A 58 9.55 -8.76 -27.78
CA LYS A 58 10.78 -9.39 -28.26
C LYS A 58 11.07 -10.62 -27.43
N LEU A 59 10.89 -10.48 -26.11
CA LEU A 59 11.10 -11.58 -25.18
C LEU A 59 10.18 -12.77 -25.49
N LEU A 60 8.89 -12.50 -25.68
CA LEU A 60 7.95 -13.56 -26.06
C LEU A 60 8.34 -14.24 -27.39
N ASP A 61 8.69 -13.41 -28.38
CA ASP A 61 9.01 -13.92 -29.72
C ASP A 61 10.27 -14.78 -29.73
N SER A 62 11.17 -14.52 -28.78
CA SER A 62 12.38 -15.32 -28.62
C SER A 62 12.10 -16.71 -28.07
N GLY A 63 10.85 -16.98 -27.67
CA GLY A 63 10.45 -18.27 -27.12
C GLY A 63 10.33 -18.35 -25.60
N VAL A 64 10.64 -17.26 -24.91
CA VAL A 64 10.54 -17.20 -23.46
C VAL A 64 9.09 -16.96 -22.99
N THR A 65 8.68 -17.75 -22.01
CA THR A 65 7.50 -17.54 -21.17
C THR A 65 7.54 -16.13 -20.58
N ASP A 66 6.39 -15.47 -20.48
CA ASP A 66 6.35 -14.10 -19.96
C ASP A 66 6.71 -14.11 -18.47
N PRO A 67 7.89 -13.55 -18.09
CA PRO A 67 8.28 -13.61 -16.67
C PRO A 67 7.45 -12.71 -15.77
N PHE A 68 6.68 -11.80 -16.36
CA PHE A 68 5.87 -10.88 -15.59
C PHE A 68 4.42 -11.31 -15.47
N ALA A 69 4.12 -12.51 -15.93
CA ALA A 69 2.75 -13.01 -15.92
C ALA A 69 2.63 -14.39 -15.28
N ILE A 70 3.60 -14.79 -14.45
CA ILE A 70 3.55 -16.08 -13.78
C ILE A 70 2.39 -16.10 -12.79
N VAL A 71 1.61 -17.19 -12.79
CA VAL A 71 0.52 -17.38 -11.84
C VAL A 71 0.75 -18.62 -10.99
N MET A 72 0.74 -18.44 -9.68
CA MET A 72 0.83 -19.55 -8.74
C MET A 72 -0.61 -20.10 -8.60
N GLU A 73 -0.94 -21.11 -9.39
CA GLU A 73 -2.31 -21.60 -9.42
C GLU A 73 -2.66 -22.28 -8.11
N GLN A 74 -1.68 -22.96 -7.52
CA GLN A 74 -1.77 -23.55 -6.20
C GLN A 74 -0.49 -23.22 -5.47
N VAL A 75 -0.58 -23.00 -4.17
CA VAL A 75 0.61 -22.80 -3.33
C VAL A 75 0.45 -23.78 -2.16
N LYS A 76 1.32 -24.79 -2.11
CA LYS A 76 1.19 -25.91 -1.17
C LYS A 76 1.86 -25.61 0.14
N SER A 77 2.94 -24.83 0.09
CA SER A 77 3.75 -24.54 1.25
C SER A 77 4.62 -23.34 0.92
N PRO A 78 5.46 -22.90 1.87
CA PRO A 78 6.37 -21.83 1.56
C PRO A 78 7.35 -22.12 0.40
N THR A 79 7.54 -23.40 0.07
CA THR A 79 8.57 -23.79 -0.90
C THR A 79 8.05 -24.49 -2.16
N GLU A 80 6.74 -24.67 -2.28
CA GLU A 80 6.16 -25.47 -3.39
C GLU A 80 4.91 -24.81 -3.94
N ALA A 81 4.82 -24.74 -5.27
CA ALA A 81 3.66 -24.22 -5.97
C ALA A 81 3.38 -25.05 -7.20
N VAL A 82 2.25 -24.76 -7.85
CA VAL A 82 1.94 -25.31 -9.14
C VAL A 82 1.77 -24.16 -10.13
N ILE A 83 2.55 -24.22 -11.21
CA ILE A 83 2.59 -23.20 -12.24
C ILE A 83 2.37 -23.88 -13.60
N ARG A 84 1.30 -23.49 -14.30
CA ARG A 84 0.88 -24.12 -15.56
C ARG A 84 0.91 -25.66 -15.43
N GLY A 85 0.33 -26.13 -14.34
CA GLY A 85 0.17 -27.57 -14.08
C GLY A 85 1.43 -28.31 -13.63
N LYS A 86 2.54 -27.59 -13.46
CA LYS A 86 3.85 -28.16 -13.15
C LYS A 86 4.20 -27.90 -11.67
N ASP A 87 4.41 -28.98 -10.91
CA ASP A 87 4.90 -28.85 -9.53
C ASP A 87 6.28 -28.18 -9.57
N THR A 88 6.44 -27.11 -8.81
CA THR A 88 7.58 -26.24 -8.94
C THR A 88 8.10 -25.85 -7.56
N ILE A 89 9.42 -25.91 -7.38
CA ILE A 89 10.05 -25.39 -6.17
C ILE A 89 10.16 -23.87 -6.24
N LEU A 90 9.78 -23.18 -5.16
CA LEU A 90 9.86 -21.74 -5.11
C LEU A 90 11.20 -21.34 -4.50
N LEU A 91 11.93 -20.52 -5.23
CA LEU A 91 13.24 -20.03 -4.76
C LEU A 91 13.36 -18.58 -5.18
N GLY A 92 12.25 -17.89 -5.26
CA GLY A 92 12.23 -16.51 -5.65
C GLY A 92 11.22 -15.75 -4.85
N THR A 93 11.19 -15.98 -3.53
CA THR A 93 10.26 -15.26 -2.64
C THR A 93 10.98 -14.63 -1.44
N TYR A 94 10.28 -13.76 -0.75
CA TYR A 94 10.84 -13.20 0.48
C TYR A 94 10.31 -13.80 1.77
N ASN A 95 9.82 -15.04 1.70
CA ASN A 95 9.24 -15.74 2.85
C ASN A 95 10.35 -16.36 3.69
N TYR A 96 11.32 -15.53 4.09
CA TYR A 96 12.61 -15.99 4.66
C TYR A 96 12.43 -16.97 5.79
N MET A 97 11.40 -16.76 6.62
CA MET A 97 11.21 -17.56 7.80
C MET A 97 10.04 -18.53 7.67
N GLY A 98 9.50 -18.64 6.46
CA GLY A 98 8.46 -19.59 6.16
C GLY A 98 7.23 -19.45 7.03
N MET A 99 6.82 -18.21 7.34
CA MET A 99 5.72 -17.99 8.28
C MET A 99 4.31 -18.04 7.69
N THR A 100 4.18 -18.07 6.37
CA THR A 100 2.87 -17.91 5.75
C THR A 100 1.94 -19.10 5.95
N PHE A 101 2.47 -20.27 6.31
CA PHE A 101 1.63 -21.43 6.63
C PHE A 101 1.75 -21.87 8.10
N ASP A 102 2.31 -21.01 8.95
CA ASP A 102 2.37 -21.32 10.37
C ASP A 102 0.94 -21.50 10.93
N PRO A 103 0.69 -22.61 11.65
CA PRO A 103 -0.67 -22.83 12.12
C PRO A 103 -1.20 -21.79 13.11
N ASP A 104 -0.35 -21.22 13.97
CA ASP A 104 -0.80 -20.17 14.88
C ASP A 104 -1.13 -18.87 14.13
N VAL A 105 -0.29 -18.55 13.14
CA VAL A 105 -0.53 -17.37 12.31
C VAL A 105 -1.86 -17.52 11.57
N ILE A 106 -2.06 -18.67 10.93
CA ILE A 106 -3.31 -18.87 10.18
C ILE A 106 -4.54 -18.82 11.10
N ALA A 107 -4.45 -19.46 12.26
CA ALA A 107 -5.57 -19.44 13.20
C ALA A 107 -5.92 -18.04 13.63
N ALA A 108 -4.91 -17.20 13.84
CA ALA A 108 -5.14 -15.81 14.24
C ALA A 108 -5.84 -15.04 13.13
N GLY A 109 -5.50 -15.34 11.88
CA GLY A 109 -6.14 -14.65 10.75
C GLY A 109 -7.59 -15.06 10.62
N LYS A 110 -7.87 -16.34 10.84
CA LYS A 110 -9.23 -16.84 10.69
C LYS A 110 -10.10 -16.25 11.78
N GLU A 111 -9.58 -16.22 13.01
CA GLU A 111 -10.30 -15.64 14.15
C GLU A 111 -10.58 -14.15 13.98
N ALA A 112 -9.63 -13.41 13.45
CA ALA A 112 -9.83 -11.98 13.22
C ALA A 112 -10.92 -11.71 12.17
N LEU A 113 -10.95 -12.53 11.12
CA LEU A 113 -12.03 -12.40 10.11
C LEU A 113 -13.36 -12.58 10.80
N GLU A 114 -13.46 -13.64 11.58
CA GLU A 114 -14.71 -13.94 12.28
C GLU A 114 -15.15 -12.79 13.20
N LYS A 115 -14.20 -12.27 13.99
CA LYS A 115 -14.52 -11.37 15.11
C LYS A 115 -14.58 -9.88 14.72
N PHE A 116 -13.78 -9.47 13.73
CA PHE A 116 -13.69 -8.06 13.33
C PHE A 116 -14.03 -7.78 11.88
N GLY A 117 -14.31 -8.80 11.09
CA GLY A 117 -14.68 -8.64 9.69
C GLY A 117 -13.53 -8.60 8.69
N SER A 118 -13.87 -8.32 7.44
CA SER A 118 -12.92 -8.37 6.34
C SER A 118 -12.11 -7.09 6.10
N GLY A 119 -12.47 -5.99 6.74
CA GLY A 119 -11.82 -4.69 6.48
C GLY A 119 -12.20 -3.70 7.55
N THR A 120 -11.53 -2.55 7.53
CA THR A 120 -11.82 -1.47 8.51
C THR A 120 -12.58 -0.32 7.97
N ASN A 121 -12.60 -0.16 6.65
CA ASN A 121 -13.32 0.99 6.03
C ASN A 121 -12.96 2.36 6.61
N GLY A 122 -11.69 2.57 6.93
CA GLY A 122 -11.29 3.87 7.33
C GLY A 122 -9.83 4.01 7.62
N SER A 123 -9.40 5.27 7.58
CA SER A 123 -8.06 5.66 8.01
C SER A 123 -7.79 5.40 9.48
N ARG A 124 -6.53 5.13 9.81
CA ARG A 124 -6.12 5.06 11.22
C ARG A 124 -6.47 6.32 12.02
N MET A 125 -6.55 7.45 11.34
CA MET A 125 -6.80 8.73 12.01
C MET A 125 -8.27 8.96 12.33
N LEU A 126 -9.12 8.11 11.79
CA LEU A 126 -10.56 8.19 12.01
C LEU A 126 -11.05 6.89 12.64
N ASN A 127 -11.80 6.09 11.89
CA ASN A 127 -12.46 4.90 12.40
C ASN A 127 -11.72 3.59 12.13
N GLY A 128 -10.50 3.67 11.58
CA GLY A 128 -9.74 2.48 11.16
C GLY A 128 -8.74 1.83 12.13
N THR A 129 -8.70 2.30 13.37
CA THR A 129 -7.85 1.68 14.36
C THR A 129 -8.67 0.74 15.23
N PHE A 130 -8.48 -0.56 15.02
CA PHE A 130 -9.15 -1.60 15.79
C PHE A 130 -8.14 -2.18 16.80
N HIS A 131 -8.63 -3.04 17.69
CA HIS A 131 -7.78 -3.75 18.64
C HIS A 131 -6.47 -4.26 18.04
N ASP A 132 -6.56 -4.91 16.90
CA ASP A 132 -5.38 -5.59 16.34
C ASP A 132 -4.34 -4.63 15.76
N HIS A 133 -4.72 -3.42 15.35
CA HIS A 133 -3.73 -2.42 14.90
C HIS A 133 -2.89 -1.94 16.09
N MET A 134 -3.53 -1.75 17.24
CA MET A 134 -2.79 -1.40 18.45
C MET A 134 -1.86 -2.55 18.87
N GLU A 135 -2.34 -3.79 18.78
CA GLU A 135 -1.57 -4.96 19.15
C GLU A 135 -0.33 -5.11 18.28
N VAL A 136 -0.48 -4.92 16.97
CA VAL A 136 0.67 -5.14 16.08
C VAL A 136 1.75 -4.06 16.32
N GLU A 137 1.35 -2.82 16.61
CA GLU A 137 2.31 -1.77 16.93
C GLU A 137 3.05 -2.11 18.23
N GLN A 138 2.34 -2.63 19.23
CA GLN A 138 3.02 -3.09 20.46
C GLN A 138 3.96 -4.28 20.20
N ALA A 139 3.54 -5.20 19.32
CA ALA A 139 4.40 -6.30 18.95
C ALA A 139 5.73 -5.79 18.38
N LEU A 140 5.67 -4.72 17.59
CA LEU A 140 6.87 -4.12 17.00
C LEU A 140 7.75 -3.48 18.08
N ARG A 141 7.12 -2.76 19.02
CA ARG A 141 7.86 -2.17 20.12
C ARG A 141 8.61 -3.26 20.85
N ASP A 142 7.95 -4.40 21.09
CA ASP A 142 8.57 -5.50 21.83
C ASP A 142 9.68 -6.16 21.02
N PHE A 143 9.44 -6.32 19.71
CA PHE A 143 10.38 -6.96 18.81
C PHE A 143 11.68 -6.15 18.70
N TYR A 144 11.56 -4.83 18.57
CA TYR A 144 12.71 -3.94 18.34
C TYR A 144 13.24 -3.30 19.63
N GLY A 145 12.49 -3.39 20.73
CA GLY A 145 12.87 -2.73 21.97
C GLY A 145 12.83 -1.23 21.85
N THR A 146 11.83 -0.71 21.12
CA THR A 146 11.62 0.74 20.93
C THR A 146 10.36 1.25 21.60
N THR A 147 10.35 2.53 21.96
CA THR A 147 9.16 3.17 22.47
C THR A 147 8.17 3.50 21.32
N GLY A 148 8.69 3.68 20.12
CA GLY A 148 7.85 4.14 18.99
C GLY A 148 7.68 3.10 17.89
N ALA A 149 6.48 2.99 17.33
CA ALA A 149 6.19 2.08 16.21
C ALA A 149 4.98 2.61 15.48
N ILE A 150 5.14 2.90 14.19
CA ILE A 150 4.05 3.33 13.34
C ILE A 150 3.92 2.38 12.15
N VAL A 151 2.75 1.76 12.00
CA VAL A 151 2.44 0.86 10.89
C VAL A 151 1.75 1.61 9.76
N PHE A 152 2.17 1.30 8.55
CA PHE A 152 1.62 1.82 7.30
C PHE A 152 0.98 0.66 6.50
N SER A 153 0.12 0.99 5.53
CA SER A 153 -0.60 -0.07 4.82
C SER A 153 0.30 -0.87 3.84
N THR A 154 1.44 -0.31 3.44
CA THR A 154 2.46 -1.07 2.71
C THR A 154 3.84 -0.57 3.14
N GLY A 155 4.83 -1.41 2.94
CA GLY A 155 6.23 -1.04 3.07
C GLY A 155 6.61 0.10 2.14
N TYR A 156 6.11 0.05 0.90
CA TYR A 156 6.34 1.11 -0.07
C TYR A 156 5.90 2.47 0.49
N MET A 157 4.69 2.50 1.02
CA MET A 157 4.16 3.71 1.66
C MET A 157 4.91 4.13 2.93
N ALA A 158 5.41 3.20 3.73
CA ALA A 158 6.27 3.57 4.89
C ALA A 158 7.50 4.37 4.43
N ASN A 159 8.19 3.88 3.42
CA ASN A 159 9.34 4.59 2.88
C ASN A 159 8.96 5.89 2.21
N LEU A 160 7.89 5.85 1.41
CA LEU A 160 7.43 7.04 0.72
C LEU A 160 7.13 8.15 1.73
N GLY A 161 6.41 7.76 2.78
CA GLY A 161 5.94 8.69 3.80
C GLY A 161 7.04 9.17 4.73
N ILE A 162 7.84 8.25 5.24
CA ILE A 162 8.80 8.65 6.27
C ILE A 162 9.87 9.60 5.70
N ILE A 163 10.30 9.33 4.47
CA ILE A 163 11.36 10.12 3.87
C ILE A 163 10.85 11.49 3.50
N SER A 164 9.65 11.55 2.91
CA SER A 164 9.10 12.81 2.42
C SER A 164 8.59 13.68 3.58
N THR A 165 8.29 13.10 4.73
CA THR A 165 7.78 13.82 5.88
C THR A 165 8.93 14.32 6.77
N LEU A 166 9.98 13.52 6.91
CA LEU A 166 11.08 13.90 7.82
C LEU A 166 11.95 15.01 7.28
N ALA A 167 12.24 14.97 5.98
CA ALA A 167 13.16 15.92 5.34
C ALA A 167 12.39 16.86 4.45
N GLY A 168 12.35 18.12 4.86
CA GLY A 168 11.62 19.12 4.10
C GLY A 168 12.49 20.00 3.22
N LYS A 169 11.86 21.05 2.72
CA LYS A 169 12.57 22.04 1.94
C LYS A 169 13.78 22.59 2.71
N GLY A 170 14.93 22.66 2.03
CA GLY A 170 16.15 23.20 2.61
C GLY A 170 16.91 22.19 3.47
N GLU A 171 16.41 20.96 3.51
CA GLU A 171 17.09 19.86 4.21
C GLU A 171 17.59 18.86 3.18
N TYR A 172 18.34 17.85 3.63
CA TYR A 172 18.99 16.90 2.72
C TYR A 172 18.65 15.47 3.04
N VAL A 173 18.45 14.67 1.98
CA VAL A 173 18.41 13.22 2.08
C VAL A 173 19.58 12.63 1.30
N ILE A 174 20.38 11.85 2.00
CA ILE A 174 21.62 11.29 1.47
C ILE A 174 21.45 9.77 1.43
N LEU A 175 21.43 9.18 0.23
CA LEU A 175 21.10 7.76 0.11
C LEU A 175 22.07 6.99 -0.75
N ASP A 176 22.19 5.72 -0.43
CA ASP A 176 23.01 4.79 -1.18
C ASP A 176 22.43 4.62 -2.58
N ALA A 177 23.31 4.59 -3.57
CA ALA A 177 22.92 4.36 -4.97
C ALA A 177 21.94 3.21 -5.18
N ASP A 178 22.12 2.11 -4.44
CA ASP A 178 21.34 0.88 -4.65
C ASP A 178 20.11 0.82 -3.73
N SER A 179 19.73 1.96 -3.15
CA SER A 179 18.52 2.01 -2.33
C SER A 179 17.31 1.53 -3.13
N HIS A 180 16.40 0.88 -2.43
CA HIS A 180 15.14 0.44 -3.01
C HIS A 180 14.36 1.57 -3.69
N ALA A 181 13.64 1.22 -4.75
CA ALA A 181 12.77 2.14 -5.48
C ALA A 181 11.86 3.00 -4.61
N SER A 182 11.29 2.40 -3.56
CA SER A 182 10.39 3.12 -2.65
C SER A 182 11.10 4.26 -1.91
N ILE A 183 12.39 4.09 -1.65
CA ILE A 183 13.23 5.12 -1.04
C ILE A 183 13.47 6.29 -2.01
N TYR A 184 13.85 5.96 -3.24
CA TYR A 184 13.92 6.97 -4.30
C TYR A 184 12.59 7.68 -4.53
N ASP A 185 11.49 6.93 -4.46
CA ASP A 185 10.15 7.52 -4.65
C ASP A 185 9.81 8.47 -3.50
N GLY A 186 10.23 8.16 -2.27
CA GLY A 186 10.05 9.05 -1.15
C GLY A 186 10.81 10.36 -1.32
N CYS A 187 12.02 10.26 -1.85
CA CYS A 187 12.79 11.45 -2.20
C CYS A 187 12.07 12.32 -3.25
N GLN A 188 11.52 11.68 -4.27
CA GLN A 188 10.77 12.39 -5.32
C GLN A 188 9.50 13.06 -4.78
N GLN A 189 8.85 12.41 -3.81
CA GLN A 189 7.62 12.93 -3.22
C GLN A 189 7.88 14.16 -2.36
N GLY A 190 9.01 14.19 -1.66
CA GLY A 190 9.34 15.29 -0.78
C GLY A 190 10.00 16.46 -1.48
N ASN A 191 10.41 17.46 -0.69
CA ASN A 191 10.92 18.72 -1.24
C ASN A 191 12.38 18.97 -0.83
N ALA A 192 13.05 17.94 -0.34
CA ALA A 192 14.43 18.05 0.14
C ALA A 192 15.45 17.96 -1.01
N GLU A 193 16.69 18.34 -0.71
CA GLU A 193 17.79 18.14 -1.65
C GLU A 193 18.26 16.69 -1.55
N ILE A 194 18.47 16.03 -2.68
CA ILE A 194 18.82 14.61 -2.71
C ILE A 194 20.28 14.41 -3.12
N VAL A 195 21.01 13.64 -2.34
CA VAL A 195 22.43 13.36 -2.58
C VAL A 195 22.64 11.84 -2.63
N ARG A 196 23.08 11.34 -3.78
CA ARG A 196 23.32 9.91 -3.96
C ARG A 196 24.79 9.64 -3.80
N PHE A 197 25.15 8.60 -3.04
CA PHE A 197 26.55 8.19 -2.92
C PHE A 197 26.79 6.77 -3.46
N ARG A 198 28.02 6.53 -3.88
CA ARG A 198 28.42 5.28 -4.50
C ARG A 198 28.15 4.10 -3.58
N HIS A 199 27.55 3.04 -4.13
CA HIS A 199 27.09 1.91 -3.35
C HIS A 199 28.12 1.37 -2.38
N ASN A 200 27.75 1.30 -1.11
CA ASN A 200 28.60 0.73 -0.08
C ASN A 200 29.94 1.47 0.15
N SER A 201 30.07 2.67 -0.41
CA SER A 201 31.32 3.44 -0.25
C SER A 201 31.28 4.40 0.94
N VAL A 202 32.00 4.04 1.99
CA VAL A 202 32.07 4.84 3.19
C VAL A 202 32.76 6.16 2.86
N GLU A 203 33.83 6.09 2.07
CA GLU A 203 34.56 7.26 1.63
C GLU A 203 33.67 8.23 0.84
N ASP A 204 32.88 7.70 -0.09
CA ASP A 204 32.06 8.58 -0.91
C ASP A 204 30.97 9.22 -0.06
N LEU A 205 30.41 8.47 0.87
CA LEU A 205 29.45 9.09 1.80
C LEU A 205 30.10 10.25 2.57
N ASP A 206 31.28 10.01 3.12
CA ASP A 206 32.01 11.01 3.91
C ASP A 206 32.31 12.26 3.05
N LYS A 207 32.77 12.04 1.82
CA LYS A 207 33.13 13.15 0.94
C LYS A 207 31.90 13.97 0.54
N ARG A 208 30.79 13.30 0.22
CA ARG A 208 29.59 14.03 -0.19
C ARG A 208 28.93 14.78 0.96
N LEU A 209 28.93 14.19 2.15
CA LEU A 209 28.40 14.87 3.35
C LEU A 209 29.25 16.07 3.70
N GLY A 210 30.57 15.92 3.61
CA GLY A 210 31.48 17.00 3.99
C GLY A 210 31.31 18.26 3.16
N ARG A 211 30.81 18.12 1.94
CA ARG A 211 30.66 19.25 1.02
C ARG A 211 29.40 20.04 1.24
N LEU A 212 28.49 19.54 2.06
CA LEU A 212 27.20 20.20 2.27
C LEU A 212 27.33 21.26 3.34
N PRO A 213 26.44 22.28 3.33
CA PRO A 213 26.42 23.24 4.45
C PRO A 213 26.11 22.54 5.78
N LYS A 214 26.69 23.05 6.86
CA LYS A 214 26.61 22.38 8.15
C LYS A 214 25.24 22.51 8.82
N GLU A 215 24.60 23.68 8.72
CA GLU A 215 23.43 23.96 9.55
C GLU A 215 22.17 23.15 9.20
N PRO A 216 21.82 23.05 7.91
CA PRO A 216 20.59 22.30 7.57
C PRO A 216 20.61 20.85 8.07
N ALA A 217 19.44 20.39 8.50
CA ALA A 217 19.27 19.04 9.00
C ALA A 217 19.38 18.05 7.84
N LYS A 218 19.85 16.84 8.16
CA LYS A 218 20.19 15.84 7.16
C LYS A 218 19.75 14.44 7.60
N LEU A 219 19.23 13.68 6.65
CA LEU A 219 18.88 12.27 6.83
C LEU A 219 19.73 11.40 5.91
N VAL A 220 20.51 10.51 6.51
CA VAL A 220 21.26 9.49 5.78
C VAL A 220 20.43 8.21 5.77
N VAL A 221 20.20 7.65 4.59
CA VAL A 221 19.34 6.48 4.40
C VAL A 221 20.16 5.30 3.88
N LEU A 222 20.08 4.17 4.59
CA LEU A 222 20.88 2.99 4.32
C LEU A 222 19.97 1.75 4.34
N GLU A 223 20.40 0.69 3.70
CA GLU A 223 19.78 -0.64 3.86
C GLU A 223 20.72 -1.57 4.59
N GLY A 224 20.18 -2.45 5.42
CA GLY A 224 21.04 -3.47 6.08
C GLY A 224 21.45 -4.50 5.05
N VAL A 225 20.46 -5.10 4.38
CA VAL A 225 20.69 -6.06 3.29
C VAL A 225 20.03 -5.46 2.06
N TYR A 226 20.77 -5.35 0.96
CA TYR A 226 20.29 -4.81 -0.30
C TYR A 226 19.60 -5.92 -1.07
N SER A 227 18.40 -5.65 -1.57
CA SER A 227 17.54 -6.69 -2.10
C SER A 227 17.94 -7.29 -3.45
N MET A 228 18.68 -6.57 -4.29
CA MET A 228 19.07 -7.10 -5.60
C MET A 228 20.22 -8.09 -5.48
N LEU A 229 21.37 -7.63 -4.99
CA LEU A 229 22.57 -8.47 -4.91
C LEU A 229 22.71 -9.31 -3.64
N GLY A 230 21.97 -8.98 -2.59
CA GLY A 230 22.06 -9.77 -1.34
C GLY A 230 23.29 -9.45 -0.50
N ASP A 231 23.93 -8.31 -0.76
CA ASP A 231 25.03 -7.85 0.05
C ASP A 231 24.54 -7.03 1.24
N ILE A 232 25.42 -6.82 2.20
CA ILE A 232 25.09 -6.02 3.35
C ILE A 232 25.86 -4.72 3.34
N ALA A 233 25.33 -3.74 4.04
CA ALA A 233 26.00 -2.45 4.18
C ALA A 233 26.99 -2.50 5.33
N PRO A 234 28.10 -1.74 5.23
CA PRO A 234 29.00 -1.51 6.36
C PRO A 234 28.43 -0.44 7.27
N LEU A 235 27.34 -0.79 7.92
CA LEU A 235 26.60 0.18 8.75
C LEU A 235 27.44 0.78 9.86
N LYS A 236 28.29 0.00 10.51
CA LYS A 236 29.09 0.50 11.62
C LYS A 236 29.87 1.73 11.18
N GLU A 237 30.53 1.59 10.02
CA GLU A 237 31.39 2.65 9.49
C GLU A 237 30.55 3.79 8.92
N MET A 238 29.46 3.48 8.22
CA MET A 238 28.61 4.52 7.63
CA MET A 238 28.61 4.53 7.65
C MET A 238 27.94 5.37 8.70
N VAL A 239 27.50 4.75 9.79
CA VAL A 239 26.79 5.45 10.85
C VAL A 239 27.76 6.39 11.59
N ALA A 240 28.98 5.93 11.83
CA ALA A 240 30.01 6.80 12.42
C ALA A 240 30.24 8.07 11.54
N VAL A 241 30.31 7.88 10.22
CA VAL A 241 30.45 9.03 9.31
C VAL A 241 29.23 9.95 9.33
N ALA A 242 28.03 9.37 9.28
CA ALA A 242 26.81 10.16 9.39
C ALA A 242 26.79 11.01 10.67
N LYS A 243 27.13 10.40 11.80
CA LYS A 243 27.09 11.11 13.08
C LYS A 243 28.15 12.19 13.18
N LYS A 244 29.30 11.96 12.57
CA LYS A 244 30.37 12.95 12.53
C LYS A 244 29.89 14.23 11.85
N HIS A 245 29.06 14.09 10.80
CA HIS A 245 28.54 15.22 10.06
C HIS A 245 27.19 15.68 10.59
N GLY A 246 26.76 15.15 11.73
CA GLY A 246 25.54 15.58 12.42
C GLY A 246 24.22 15.11 11.81
N ALA A 247 24.26 14.10 10.96
CA ALA A 247 23.04 13.61 10.30
C ALA A 247 22.28 12.60 11.15
N MET A 248 20.97 12.53 10.97
CA MET A 248 20.18 11.43 11.51
C MET A 248 20.28 10.25 10.54
N VAL A 249 20.00 9.05 11.04
CA VAL A 249 20.15 7.84 10.24
C VAL A 249 18.85 7.01 10.23
N LEU A 250 18.42 6.66 9.03
CA LEU A 250 17.34 5.68 8.80
CA LEU A 250 17.34 5.69 8.81
C LEU A 250 17.93 4.44 8.14
N VAL A 251 17.62 3.26 8.68
CA VAL A 251 18.09 2.00 8.10
C VAL A 251 16.88 1.14 7.76
N ASP A 252 16.86 0.63 6.54
CA ASP A 252 15.81 -0.30 6.07
C ASP A 252 16.27 -1.74 6.32
N GLU A 253 15.58 -2.42 7.25
CA GLU A 253 15.88 -3.79 7.64
C GLU A 253 14.77 -4.78 7.19
N ALA A 254 14.27 -4.57 5.98
CA ALA A 254 13.26 -5.47 5.38
C ALA A 254 13.76 -6.87 5.08
N HIS A 255 15.05 -7.00 4.76
CA HIS A 255 15.57 -8.27 4.30
C HIS A 255 16.48 -8.94 5.33
N SER A 256 16.29 -8.57 6.60
CA SER A 256 17.10 -9.12 7.70
C SER A 256 16.29 -9.57 8.91
N MET A 257 14.97 -9.38 8.88
CA MET A 257 14.14 -9.51 10.09
C MET A 257 14.00 -10.96 10.57
N GLY A 258 14.45 -11.19 11.81
CA GLY A 258 14.37 -12.52 12.43
C GLY A 258 15.64 -13.32 12.33
N PHE A 259 16.63 -12.84 11.58
CA PHE A 259 17.84 -13.65 11.35
C PHE A 259 19.18 -12.95 11.31
N PHE A 260 19.20 -11.66 11.67
CA PHE A 260 20.42 -10.95 11.99
C PHE A 260 20.32 -10.32 13.37
N GLY A 261 21.41 -10.41 14.17
CA GLY A 261 21.49 -9.80 15.49
C GLY A 261 20.97 -10.72 16.56
N PRO A 262 21.36 -10.50 17.83
CA PRO A 262 20.93 -11.46 18.88
C PRO A 262 19.41 -11.58 19.02
N ASN A 263 18.67 -10.49 18.78
CA ASN A 263 17.21 -10.51 18.84
C ASN A 263 16.51 -10.55 17.47
N GLY A 264 17.29 -10.71 16.41
CA GLY A 264 16.75 -10.76 15.05
C GLY A 264 16.34 -9.40 14.50
N ARG A 265 16.88 -8.32 15.04
CA ARG A 265 16.40 -6.99 14.65
C ARG A 265 16.95 -6.47 13.35
N GLY A 266 18.11 -7.00 12.91
CA GLY A 266 18.67 -6.57 11.65
C GLY A 266 20.17 -6.48 11.65
N VAL A 267 20.71 -6.08 10.51
CA VAL A 267 22.15 -5.90 10.35
C VAL A 267 22.66 -4.88 11.37
N TYR A 268 21.86 -3.83 11.65
CA TYR A 268 22.31 -2.80 12.61
C TYR A 268 22.58 -3.42 13.98
N GLU A 269 21.72 -4.36 14.36
CA GLU A 269 21.84 -5.03 15.65
C GLU A 269 23.06 -5.97 15.67
N ALA A 270 23.27 -6.68 14.58
CA ALA A 270 24.43 -7.56 14.44
C ALA A 270 25.74 -6.80 14.52
N GLN A 271 25.75 -5.58 13.99
CA GLN A 271 26.96 -4.75 13.98
C GLN A 271 27.15 -3.87 15.21
N GLY A 272 26.36 -4.12 16.26
CA GLY A 272 26.53 -3.45 17.53
C GLY A 272 26.03 -2.02 17.60
N LEU A 273 25.05 -1.66 16.75
CA LEU A 273 24.57 -0.29 16.66
C LEU A 273 23.25 0.02 17.39
N GLU A 274 22.81 -0.91 18.23
CA GLU A 274 21.65 -0.68 19.13
C GLU A 274 21.81 0.67 19.82
N GLY A 275 20.78 1.53 19.73
CA GLY A 275 20.80 2.84 20.37
C GLY A 275 21.42 3.97 19.56
N GLN A 276 21.94 3.67 18.38
CA GLN A 276 22.58 4.67 17.54
C GLN A 276 21.85 4.93 16.20
N ILE A 277 20.79 4.17 15.94
CA ILE A 277 20.01 4.32 14.69
C ILE A 277 18.74 5.08 15.03
N ASP A 278 18.52 6.20 14.36
CA ASP A 278 17.37 7.03 14.71
C ASP A 278 16.06 6.37 14.33
N PHE A 279 16.00 5.83 13.12
CA PHE A 279 14.78 5.20 12.60
C PHE A 279 15.13 3.88 11.86
N VAL A 280 14.31 2.84 12.11
CA VAL A 280 14.38 1.59 11.37
C VAL A 280 13.05 1.38 10.63
N VAL A 281 13.16 1.13 9.35
CA VAL A 281 11.98 0.87 8.51
CA VAL A 281 12.01 0.86 8.49
C VAL A 281 12.00 -0.60 8.15
N GLY A 282 10.81 -1.20 8.11
CA GLY A 282 10.66 -2.55 7.66
C GLY A 282 9.34 -2.80 7.00
N THR A 283 9.11 -4.08 6.73
CA THR A 283 7.91 -4.54 6.03
C THR A 283 7.28 -5.69 6.78
N PHE A 284 6.00 -5.91 6.51
CA PHE A 284 5.29 -7.13 6.92
C PHE A 284 5.28 -8.20 5.83
N SER A 285 5.80 -7.91 4.63
CA SER A 285 5.57 -8.80 3.49
CA SER A 285 5.59 -8.82 3.49
C SER A 285 6.64 -9.90 3.34
N ALA A 286 7.74 -9.77 4.05
CA ALA A 286 8.85 -10.71 3.94
C ALA A 286 8.81 -11.73 5.10
N SER A 287 9.70 -11.65 6.08
CA SER A 287 9.69 -12.60 7.19
C SER A 287 8.32 -12.74 7.88
N VAL A 288 7.64 -11.61 8.06
CA VAL A 288 6.36 -11.59 8.75
C VAL A 288 5.27 -12.37 8.00
N GLY A 289 5.29 -12.29 6.69
CA GLY A 289 4.44 -13.12 5.85
C GLY A 289 3.06 -12.60 5.55
N THR A 290 2.86 -11.28 5.61
CA THR A 290 1.54 -10.73 5.35
CA THR A 290 1.54 -10.74 5.28
C THR A 290 1.70 -9.55 4.35
N VAL A 291 1.21 -8.38 4.70
CA VAL A 291 1.40 -7.18 3.91
C VAL A 291 1.41 -5.98 4.87
N GLY A 292 2.12 -4.91 4.51
CA GLY A 292 2.20 -3.74 5.40
C GLY A 292 3.60 -3.22 5.56
N GLY A 293 3.75 -2.03 6.12
CA GLY A 293 5.05 -1.48 6.42
C GLY A 293 5.12 -0.89 7.80
N PHE A 294 6.31 -0.57 8.25
CA PHE A 294 6.43 0.08 9.56
C PHE A 294 7.72 0.88 9.71
N VAL A 295 7.69 1.81 10.64
CA VAL A 295 8.91 2.50 11.09
C VAL A 295 8.90 2.47 12.62
N VAL A 296 10.06 2.10 13.20
CA VAL A 296 10.28 2.13 14.65
C VAL A 296 11.41 3.10 15.02
N SER A 297 11.33 3.60 16.25
CA SER A 297 12.23 4.65 16.74
C SER A 297 12.10 4.79 18.24
N ASN A 298 13.16 5.30 18.86
CA ASN A 298 13.11 5.76 20.26
C ASN A 298 13.02 7.27 20.40
N HIS A 299 12.89 8.00 19.29
CA HIS A 299 12.77 9.46 19.37
C HIS A 299 11.52 9.83 20.16
N PRO A 300 11.65 10.74 21.16
CA PRO A 300 10.48 11.04 21.99
C PRO A 300 9.30 11.71 21.27
N LYS A 301 9.55 12.34 20.12
CA LYS A 301 8.51 13.00 19.32
C LYS A 301 7.98 12.15 18.18
N PHE A 302 8.36 10.87 18.16
CA PHE A 302 8.05 10.01 17.02
C PHE A 302 6.55 9.90 16.74
N GLU A 303 5.70 9.87 17.76
CA GLU A 303 4.22 9.79 17.57
C GLU A 303 3.65 10.93 16.73
N ALA A 304 4.33 12.09 16.73
CA ALA A 304 3.84 13.23 15.98
C ALA A 304 3.94 12.99 14.48
N VAL A 305 4.73 12.01 14.04
CA VAL A 305 4.78 11.66 12.62
C VAL A 305 3.38 11.29 12.10
N ARG A 306 2.56 10.67 12.94
CA ARG A 306 1.17 10.33 12.55
C ARG A 306 0.35 11.57 12.10
N LEU A 307 0.63 12.71 12.74
CA LEU A 307 -0.15 13.91 12.56
C LEU A 307 0.17 14.58 11.22
N ALA A 308 1.34 14.26 10.64
CA ALA A 308 1.94 14.99 9.51
C ALA A 308 2.10 14.11 8.24
N CYS A 309 2.08 12.79 8.38
CA CYS A 309 2.53 11.92 7.30
C CYS A 309 1.38 11.48 6.36
N ARG A 310 1.38 12.05 5.15
CA ARG A 310 0.26 11.90 4.24
C ARG A 310 -0.06 10.44 3.86
N PRO A 311 0.99 9.62 3.57
CA PRO A 311 0.65 8.20 3.29
C PRO A 311 0.18 7.37 4.47
N TYR A 312 0.34 7.87 5.70
CA TYR A 312 -0.26 7.26 6.88
C TYR A 312 -1.72 7.69 7.00
N ILE A 313 -1.96 8.97 6.78
CA ILE A 313 -3.27 9.58 7.00
C ILE A 313 -4.30 9.20 5.94
N PHE A 314 -3.92 9.33 4.67
CA PHE A 314 -4.89 9.37 3.54
C PHE A 314 -5.09 8.00 2.84
N THR A 315 -5.19 6.95 3.65
CA THR A 315 -5.41 5.59 3.17
C THR A 315 -6.12 4.79 4.23
N ALA A 316 -6.86 3.76 3.84
CA ALA A 316 -7.50 2.89 4.83
C ALA A 316 -6.46 2.04 5.55
N SER A 317 -6.71 1.75 6.81
CA SER A 317 -5.85 0.87 7.60
C SER A 317 -6.02 -0.57 7.08
N LEU A 318 -5.09 -1.43 7.48
CA LEU A 318 -5.08 -2.81 7.03
C LEU A 318 -6.24 -3.62 7.64
N PRO A 319 -6.69 -4.64 6.91
CA PRO A 319 -7.75 -5.47 7.45
C PRO A 319 -7.35 -6.13 8.76
N PRO A 320 -8.32 -6.40 9.64
CA PRO A 320 -8.02 -7.03 10.92
C PRO A 320 -7.21 -8.32 10.79
N SER A 321 -7.50 -9.15 9.80
CA SER A 321 -6.80 -10.42 9.61
C SER A 321 -5.33 -10.20 9.29
N VAL A 322 -5.03 -9.10 8.60
CA VAL A 322 -3.66 -8.82 8.21
C VAL A 322 -2.85 -8.40 9.45
N VAL A 323 -3.38 -7.51 10.27
CA VAL A 323 -2.65 -7.08 11.46
C VAL A 323 -2.63 -8.15 12.55
N ALA A 324 -3.64 -9.03 12.60
CA ALA A 324 -3.65 -10.14 13.56
C ALA A 324 -2.61 -11.19 13.18
N THR A 325 -2.58 -11.59 11.92
CA THR A 325 -1.53 -12.48 11.44
C THR A 325 -0.16 -11.91 11.66
N ALA A 326 0.02 -10.62 11.39
CA ALA A 326 1.32 -9.96 11.57
C ALA A 326 1.73 -9.97 13.05
N THR A 327 0.80 -9.71 13.96
CA THR A 327 1.07 -9.71 15.40
C THR A 327 1.63 -11.08 15.85
N THR A 328 0.91 -12.14 15.48
CA THR A 328 1.26 -13.49 15.86
C THR A 328 2.61 -13.88 15.26
N SER A 329 2.81 -13.53 13.99
CA SER A 329 4.06 -13.87 13.33
C SER A 329 5.26 -13.14 13.98
N ILE A 330 5.12 -11.84 14.22
CA ILE A 330 6.19 -11.05 14.81
C ILE A 330 6.57 -11.61 16.18
N ARG A 331 5.57 -11.93 16.99
CA ARG A 331 5.89 -12.49 18.30
C ARG A 331 6.60 -13.83 18.19
N LYS A 332 6.20 -14.69 17.27
CA LYS A 332 6.89 -15.99 17.11
C LYS A 332 8.30 -15.82 16.57
N LEU A 333 8.50 -14.79 15.75
CA LEU A 333 9.84 -14.50 15.22
C LEU A 333 10.85 -14.16 16.30
N MET A 334 10.38 -13.65 17.45
CA MET A 334 11.28 -13.29 18.53
C MET A 334 12.05 -14.50 19.06
N THR A 335 11.48 -15.70 18.96
CA THR A 335 12.15 -16.89 19.49
C THR A 335 12.28 -18.04 18.48
N ALA A 336 12.28 -17.73 17.19
CA ALA A 336 12.27 -18.77 16.14
C ALA A 336 13.69 -19.30 15.84
N HIS A 337 14.38 -19.78 16.87
CA HIS A 337 15.80 -20.17 16.75
C HIS A 337 16.03 -21.30 15.73
N GLU A 338 15.17 -22.31 15.73
CA GLU A 338 15.32 -23.43 14.81
C GLU A 338 15.18 -22.98 13.35
N LYS A 339 14.18 -22.14 13.06
CA LYS A 339 14.00 -21.61 11.72
C LYS A 339 15.23 -20.82 11.31
N ARG A 340 15.75 -19.99 12.21
CA ARG A 340 16.87 -19.13 11.89
C ARG A 340 18.08 -19.98 11.48
N GLU A 341 18.29 -21.07 12.23
CA GLU A 341 19.43 -21.94 11.96
C GLU A 341 19.28 -22.66 10.63
N ARG A 342 18.06 -23.11 10.31
CA ARG A 342 17.82 -23.75 9.01
C ARG A 342 18.05 -22.73 7.87
N LEU A 343 17.55 -21.50 8.05
CA LEU A 343 17.75 -20.45 7.04
C LEU A 343 19.21 -20.29 6.69
N TRP A 344 20.06 -20.10 7.69
CA TRP A 344 21.48 -19.83 7.45
C TRP A 344 22.18 -21.04 6.85
N SER A 345 21.80 -22.23 7.29
CA SER A 345 22.37 -23.47 6.72
C SER A 345 22.01 -23.59 5.23
N ASN A 346 20.74 -23.32 4.91
CA ASN A 346 20.28 -23.34 3.52
C ASN A 346 20.98 -22.27 2.66
N ALA A 347 21.13 -21.07 3.21
CA ALA A 347 21.81 -19.98 2.49
C ALA A 347 23.25 -20.34 2.17
N ARG A 348 23.94 -20.89 3.16
CA ARG A 348 25.35 -21.26 3.03
CA ARG A 348 25.34 -21.24 3.03
C ARG A 348 25.49 -22.36 2.01
N ALA A 349 24.56 -23.32 2.02
CA ALA A 349 24.58 -24.42 1.05
C ALA A 349 24.41 -23.93 -0.38
N LEU A 350 23.40 -23.09 -0.60
CA LEU A 350 23.14 -22.54 -1.94
C LEU A 350 24.27 -21.62 -2.45
N HIS A 351 24.70 -20.67 -1.63
CA HIS A 351 25.74 -19.76 -2.01
C HIS A 351 27.04 -20.53 -2.34
N GLY A 352 27.43 -21.43 -1.43
CA GLY A 352 28.62 -22.23 -1.60
C GLY A 352 28.56 -23.10 -2.82
N GLY A 353 27.41 -23.72 -3.04
CA GLY A 353 27.22 -24.62 -4.19
C GLY A 353 27.27 -23.93 -5.54
N LEU A 354 26.60 -22.78 -5.65
CA LEU A 354 26.59 -22.03 -6.88
C LEU A 354 27.98 -21.44 -7.16
N LYS A 355 28.65 -20.97 -6.10
CA LYS A 355 29.98 -20.43 -6.26
C LYS A 355 30.96 -21.51 -6.73
N ALA A 356 30.90 -22.68 -6.10
CA ALA A 356 31.87 -23.74 -6.40
C ALA A 356 31.75 -24.24 -7.84
N MET A 357 30.54 -24.18 -8.39
CA MET A 357 30.28 -24.70 -9.75
C MET A 357 30.61 -23.68 -10.83
N GLY A 358 30.96 -22.46 -10.42
CA GLY A 358 31.52 -21.47 -11.34
C GLY A 358 30.68 -20.27 -11.65
N PHE A 359 29.53 -20.14 -11.03
CA PHE A 359 28.70 -18.97 -11.28
C PHE A 359 29.35 -17.71 -10.69
N ARG A 360 29.17 -16.57 -11.38
CA ARG A 360 29.51 -15.28 -10.82
C ARG A 360 28.32 -14.84 -9.98
N LEU A 361 28.56 -14.60 -8.69
CA LEU A 361 27.49 -14.21 -7.77
C LEU A 361 27.65 -12.75 -7.38
N GLY A 362 26.55 -12.18 -6.88
CA GLY A 362 26.54 -10.81 -6.42
C GLY A 362 27.46 -10.56 -5.22
N THR A 363 27.75 -11.62 -4.46
CA THR A 363 28.55 -11.54 -3.26
C THR A 363 29.59 -12.65 -3.27
N GLU A 364 30.78 -12.34 -2.79
CA GLU A 364 31.85 -13.33 -2.65
C GLU A 364 31.65 -14.27 -1.47
N THR A 365 31.01 -13.77 -0.39
CA THR A 365 30.71 -14.59 0.78
C THR A 365 29.21 -14.61 1.02
N CYS A 366 28.74 -15.61 1.76
CA CYS A 366 27.31 -15.74 2.05
C CYS A 366 26.91 -14.78 3.16
N ASP A 367 26.34 -13.65 2.75
CA ASP A 367 26.11 -12.55 3.67
C ASP A 367 24.63 -12.35 4.03
N SER A 368 23.75 -13.04 3.32
CA SER A 368 22.32 -12.92 3.53
C SER A 368 21.58 -14.12 2.97
N ALA A 369 20.24 -14.08 3.01
CA ALA A 369 19.40 -15.15 2.46
C ALA A 369 19.11 -15.01 0.97
N ILE A 370 19.66 -13.97 0.34
CA ILE A 370 19.53 -13.73 -1.09
C ILE A 370 20.84 -14.08 -1.79
N VAL A 371 20.75 -14.88 -2.83
CA VAL A 371 21.90 -15.23 -3.66
C VAL A 371 21.59 -14.79 -5.09
N ALA A 372 22.40 -13.87 -5.63
CA ALA A 372 22.20 -13.34 -6.97
C ALA A 372 23.20 -13.95 -7.93
N VAL A 373 22.70 -14.57 -9.00
CA VAL A 373 23.54 -15.16 -10.04
C VAL A 373 23.60 -14.11 -11.15
N MET A 374 24.81 -13.69 -11.50
CA MET A 374 25.01 -12.60 -12.45
CA MET A 374 25.01 -12.61 -12.44
C MET A 374 25.30 -13.17 -13.82
N LEU A 375 24.54 -12.71 -14.81
CA LEU A 375 24.70 -13.19 -16.18
C LEU A 375 25.10 -12.02 -17.11
N GLU A 376 25.54 -12.37 -18.31
CA GLU A 376 26.12 -11.39 -19.23
C GLU A 376 25.11 -10.44 -19.86
N ASP A 377 23.91 -10.95 -20.17
CA ASP A 377 22.92 -10.11 -20.86
C ASP A 377 21.49 -10.57 -20.58
N GLN A 378 20.54 -9.79 -21.09
CA GLN A 378 19.14 -10.12 -20.96
C GLN A 378 18.84 -11.52 -21.49
N GLU A 379 19.48 -11.88 -22.59
CA GLU A 379 19.23 -13.15 -23.27
C GLU A 379 19.68 -14.35 -22.44
N GLN A 380 20.90 -14.28 -21.92
CA GLN A 380 21.45 -15.39 -21.13
C GLN A 380 20.63 -15.58 -19.85
N ALA A 381 20.22 -14.48 -19.24
CA ALA A 381 19.40 -14.54 -18.02
C ALA A 381 18.06 -15.19 -18.34
N ALA A 382 17.46 -14.82 -19.46
CA ALA A 382 16.18 -15.38 -19.89
C ALA A 382 16.22 -16.88 -20.18
N MET A 383 17.24 -17.36 -20.89
CA MET A 383 17.35 -18.77 -21.25
C MET A 383 17.57 -19.65 -20.00
N MET A 384 18.40 -19.13 -19.10
CA MET A 384 18.66 -19.74 -17.80
C MET A 384 17.37 -19.86 -17.00
N TRP A 385 16.66 -18.75 -16.90
CA TRP A 385 15.41 -18.68 -16.17
C TRP A 385 14.39 -19.67 -16.71
N GLN A 386 14.26 -19.69 -18.04
CA GLN A 386 13.31 -20.55 -18.73
C GLN A 386 13.64 -22.01 -18.48
N ALA A 387 14.93 -22.38 -18.57
CA ALA A 387 15.35 -23.76 -18.35
C ALA A 387 15.03 -24.21 -16.94
N LEU A 388 15.29 -23.35 -15.97
CA LEU A 388 14.98 -23.69 -14.57
C LEU A 388 13.48 -23.87 -14.40
N LEU A 389 12.70 -22.92 -14.93
CA LEU A 389 11.23 -22.96 -14.85
C LEU A 389 10.70 -24.26 -15.46
N ASP A 390 11.16 -24.58 -16.66
CA ASP A 390 10.67 -25.78 -17.37
C ASP A 390 11.02 -27.04 -16.60
N GLY A 391 12.14 -27.00 -15.89
CA GLY A 391 12.56 -28.13 -15.06
C GLY A 391 11.97 -28.20 -13.67
N GLY A 392 11.12 -27.24 -13.30
CA GLY A 392 10.41 -27.26 -12.00
C GLY A 392 11.01 -26.38 -10.91
N LEU A 393 11.67 -25.30 -11.29
CA LEU A 393 12.24 -24.35 -10.31
C LEU A 393 11.94 -22.92 -10.71
N TYR A 394 11.33 -22.16 -9.79
CA TYR A 394 11.06 -20.76 -9.98
C TYR A 394 12.11 -19.91 -9.26
N VAL A 395 12.78 -19.05 -10.02
CA VAL A 395 13.63 -17.99 -9.47
C VAL A 395 13.21 -16.66 -10.09
N ASN A 396 13.61 -15.55 -9.48
CA ASN A 396 13.33 -14.21 -10.01
C ASN A 396 14.35 -13.81 -11.03
N MET A 397 13.89 -13.27 -12.14
CA MET A 397 14.75 -12.67 -13.12
C MET A 397 14.57 -11.18 -12.93
N ALA A 398 15.68 -10.45 -13.00
CA ALA A 398 15.67 -9.02 -12.78
C ALA A 398 16.56 -8.30 -13.77
N ARG A 399 16.10 -7.11 -14.17
CA ARG A 399 16.83 -6.16 -15.00
C ARG A 399 16.55 -4.74 -14.43
N PRO A 400 17.33 -3.73 -14.84
CA PRO A 400 17.08 -2.38 -14.30
C PRO A 400 15.74 -1.85 -14.82
N PRO A 401 14.99 -1.07 -14.00
CA PRO A 401 15.33 -0.29 -12.78
C PRO A 401 15.43 -1.07 -11.46
N ALA A 402 14.93 -2.29 -11.41
CA ALA A 402 14.95 -3.08 -10.16
C ALA A 402 16.35 -3.56 -9.78
N THR A 403 17.27 -3.64 -10.75
CA THR A 403 18.66 -4.01 -10.50
C THR A 403 19.58 -2.83 -10.69
N PRO A 404 20.77 -2.88 -10.05
CA PRO A 404 21.82 -1.88 -10.35
C PRO A 404 22.12 -1.84 -11.85
N ALA A 405 22.25 -0.62 -12.39
CA ALA A 405 22.28 -0.42 -13.85
C ALA A 405 23.23 -1.37 -14.57
N GLY A 406 22.78 -1.90 -15.70
CA GLY A 406 23.62 -2.74 -16.56
C GLY A 406 23.63 -4.21 -16.20
N THR A 407 23.22 -4.57 -14.98
CA THR A 407 23.24 -5.97 -14.57
C THR A 407 21.95 -6.72 -14.94
N PHE A 408 22.15 -7.99 -15.26
CA PHE A 408 21.08 -8.93 -15.54
C PHE A 408 21.30 -10.18 -14.68
N LEU A 409 20.36 -10.47 -13.80
CA LEU A 409 20.58 -11.46 -12.76
C LEU A 409 19.39 -12.38 -12.51
N LEU A 410 19.70 -13.52 -11.88
CA LEU A 410 18.68 -14.38 -11.33
C LEU A 410 18.79 -14.26 -9.83
N ARG A 411 17.72 -13.78 -9.19
CA ARG A 411 17.71 -13.65 -7.73
C ARG A 411 17.07 -14.92 -7.13
N CYS A 412 17.86 -15.62 -6.34
CA CYS A 412 17.45 -16.79 -5.62
C CYS A 412 17.37 -16.37 -4.16
N SER A 413 16.35 -16.82 -3.49
CA SER A 413 16.22 -16.55 -2.06
CA SER A 413 16.23 -16.56 -2.08
C SER A 413 15.76 -17.83 -1.40
N ILE A 414 16.46 -18.21 -0.32
CA ILE A 414 16.10 -19.41 0.39
C ILE A 414 15.15 -19.05 1.51
N CYS A 415 14.53 -20.06 2.08
CA CYS A 415 13.82 -19.85 3.33
C CYS A 415 14.07 -20.97 4.32
N ALA A 416 13.67 -20.70 5.54
CA ALA A 416 13.87 -21.60 6.66
C ALA A 416 13.23 -22.97 6.47
N GLU A 417 12.28 -23.09 5.55
CA GLU A 417 11.51 -24.32 5.39
C GLU A 417 11.91 -25.11 4.14
N HIS A 418 12.94 -24.67 3.41
CA HIS A 418 13.51 -25.53 2.37
C HIS A 418 14.17 -26.72 3.06
N THR A 419 13.95 -27.92 2.51
CA THR A 419 14.50 -29.13 3.08
C THR A 419 15.86 -29.40 2.44
N PRO A 420 16.66 -30.24 3.10
CA PRO A 420 17.97 -30.61 2.55
C PRO A 420 17.85 -31.25 1.17
N ALA A 421 16.81 -32.06 0.99
CA ALA A 421 16.53 -32.68 -0.30
C ALA A 421 16.27 -31.61 -1.36
N GLN A 422 15.45 -30.62 -1.04
CA GLN A 422 15.16 -29.55 -1.99
C GLN A 422 16.40 -28.74 -2.37
N ILE A 423 17.27 -28.46 -1.41
CA ILE A 423 18.51 -27.73 -1.71
C ILE A 423 19.41 -28.54 -2.64
N GLN A 424 19.56 -29.86 -2.40
CA GLN A 424 20.34 -30.70 -3.32
C GLN A 424 19.68 -30.74 -4.71
N THR A 425 18.35 -30.80 -4.76
CA THR A 425 17.65 -30.73 -6.04
C THR A 425 17.96 -29.41 -6.79
N VAL A 426 17.86 -28.28 -6.09
CA VAL A 426 18.10 -26.96 -6.69
C VAL A 426 19.52 -26.84 -7.25
N LEU A 427 20.49 -27.28 -6.46
CA LEU A 427 21.88 -27.25 -6.90
C LEU A 427 22.11 -28.05 -8.18
N GLY A 428 21.51 -29.25 -8.26
CA GLY A 428 21.63 -30.06 -9.49
C GLY A 428 21.02 -29.38 -10.69
N MET A 429 19.85 -28.79 -10.47
CA MET A 429 19.13 -28.08 -11.52
C MET A 429 19.95 -26.90 -12.05
N PHE A 430 20.60 -26.18 -11.14
CA PHE A 430 21.44 -25.07 -11.55
C PHE A 430 22.65 -25.53 -12.37
N GLN A 431 23.33 -26.59 -11.93
CA GLN A 431 24.50 -27.09 -12.68
C GLN A 431 24.08 -27.51 -14.08
N ALA A 432 22.99 -28.24 -14.18
CA ALA A 432 22.55 -28.75 -15.49
C ALA A 432 22.16 -27.60 -16.41
N ALA A 433 21.36 -26.65 -15.89
CA ALA A 433 20.91 -25.51 -16.68
C ALA A 433 22.10 -24.61 -17.04
N GLY A 434 23.02 -24.40 -16.11
CA GLY A 434 24.18 -23.57 -16.37
C GLY A 434 25.08 -24.14 -17.45
N ARG A 435 25.21 -25.45 -17.45
CA ARG A 435 25.99 -26.15 -18.47
C ARG A 435 25.26 -26.09 -19.82
N ALA A 436 23.96 -26.33 -19.82
CA ALA A 436 23.17 -26.33 -21.05
C ALA A 436 23.15 -24.97 -21.75
N VAL A 437 23.05 -23.90 -20.97
CA VAL A 437 23.01 -22.54 -21.50
C VAL A 437 24.41 -22.03 -21.77
N GLY A 438 25.40 -22.70 -21.18
CA GLY A 438 26.80 -22.38 -21.42
C GLY A 438 27.35 -21.30 -20.49
N VAL A 439 26.69 -21.08 -19.36
CA VAL A 439 27.14 -20.09 -18.40
C VAL A 439 28.39 -20.59 -17.69
N ILE A 440 28.39 -21.87 -17.32
CA ILE A 440 29.50 -22.47 -16.57
C ILE A 440 30.10 -23.67 -17.29
N GLY A 441 29.42 -24.12 -18.33
N ARG B 43 18.00 21.25 17.74
CA ARG B 43 17.03 20.98 16.63
C ARG B 43 17.44 19.75 15.82
N ASP B 44 16.45 18.97 15.39
CA ASP B 44 16.68 17.83 14.54
C ASP B 44 15.53 17.74 13.53
N LEU B 45 15.42 16.63 12.80
CA LEU B 45 14.37 16.51 11.77
C LEU B 45 12.94 16.50 12.30
N LEU B 46 12.75 16.32 13.61
CA LEU B 46 11.39 16.28 14.19
C LEU B 46 11.01 17.61 14.87
N SER B 47 11.94 18.55 14.94
CA SER B 47 11.62 19.89 15.47
C SER B 47 10.50 20.54 14.67
N LYS B 48 10.42 20.25 13.39
CA LYS B 48 9.34 20.76 12.53
C LYS B 48 7.92 20.36 12.96
N PHE B 49 7.81 19.37 13.84
CA PHE B 49 6.52 18.95 14.37
C PHE B 49 6.12 19.62 15.70
N ASP B 50 6.95 20.52 16.22
CA ASP B 50 6.70 21.13 17.53
C ASP B 50 5.36 21.91 17.55
N GLY B 51 5.01 22.54 16.44
CA GLY B 51 3.72 23.23 16.30
C GLY B 51 2.53 22.29 16.42
N LEU B 52 2.57 21.18 15.69
CA LEU B 52 1.51 20.16 15.76
C LEU B 52 1.40 19.54 17.15
N ILE B 53 2.54 19.31 17.79
CA ILE B 53 2.58 18.70 19.10
C ILE B 53 1.89 19.60 20.11
N ALA B 54 2.17 20.90 20.01
CA ALA B 54 1.54 21.90 20.89
C ALA B 54 0.04 22.01 20.66
N GLU B 55 -0.39 21.97 19.40
CA GLU B 55 -1.82 22.04 19.08
C GLU B 55 -2.56 20.84 19.67
N ARG B 56 -1.98 19.65 19.53
CA ARG B 56 -2.59 18.45 20.11
C ARG B 56 -2.65 18.56 21.64
N GLN B 57 -1.58 19.07 22.25
CA GLN B 57 -1.52 19.16 23.70
C GLN B 57 -2.54 20.15 24.27
N LYS B 58 -2.77 21.26 23.56
CA LYS B 58 -3.80 22.20 23.97
C LYS B 58 -5.16 21.53 23.99
N LEU B 59 -5.42 20.71 22.97
CA LEU B 59 -6.66 19.94 22.89
C LEU B 59 -6.86 19.01 24.09
N LEU B 60 -5.83 18.22 24.39
CA LEU B 60 -5.87 17.33 25.55
C LEU B 60 -6.09 18.09 26.87
N ASP B 61 -5.36 19.20 27.03
CA ASP B 61 -5.44 20.00 28.27
C ASP B 61 -6.81 20.65 28.45
N SER B 62 -7.52 20.90 27.34
CA SER B 62 -8.87 21.43 27.41
C SER B 62 -9.90 20.39 27.88
N GLY B 63 -9.48 19.13 28.04
CA GLY B 63 -10.34 18.05 28.52
C GLY B 63 -10.97 17.16 27.45
N VAL B 64 -10.81 17.52 26.18
CA VAL B 64 -11.65 16.93 25.10
C VAL B 64 -10.99 15.71 24.43
N THR B 65 -11.79 14.73 24.01
CA THR B 65 -11.25 13.48 23.49
C THR B 65 -10.49 13.67 22.18
N ASP B 66 -9.34 13.02 22.07
CA ASP B 66 -8.52 13.14 20.89
C ASP B 66 -9.22 12.40 19.74
N PRO B 67 -9.69 13.13 18.71
CA PRO B 67 -10.42 12.46 17.64
C PRO B 67 -9.51 11.59 16.79
N PHE B 68 -8.20 11.73 16.91
CA PHE B 68 -7.26 10.94 16.10
C PHE B 68 -6.71 9.74 16.84
N ALA B 69 -7.24 9.45 18.03
CA ALA B 69 -6.78 8.34 18.85
C ALA B 69 -7.91 7.40 19.29
N ILE B 70 -8.99 7.35 18.51
CA ILE B 70 -10.10 6.43 18.76
C ILE B 70 -9.70 4.99 18.43
N VAL B 71 -10.00 4.06 19.33
CA VAL B 71 -9.77 2.62 19.10
C VAL B 71 -11.09 1.86 19.17
N MET B 72 -11.39 1.10 18.11
CA MET B 72 -12.52 0.19 18.06
C MET B 72 -12.07 -1.10 18.75
N GLU B 73 -12.31 -1.20 20.04
CA GLU B 73 -11.81 -2.33 20.81
C GLU B 73 -12.50 -3.61 20.41
N GLN B 74 -13.80 -3.52 20.13
CA GLN B 74 -14.58 -4.61 19.58
C GLN B 74 -15.39 -4.02 18.45
N VAL B 75 -15.61 -4.82 17.40
CA VAL B 75 -16.48 -4.42 16.28
C VAL B 75 -17.45 -5.59 16.10
N LYS B 76 -18.73 -5.33 16.35
CA LYS B 76 -19.75 -6.38 16.39
C LYS B 76 -20.39 -6.60 15.03
N SER B 77 -20.45 -5.53 14.24
CA SER B 77 -21.12 -5.55 12.97
C SER B 77 -20.67 -4.34 12.20
N PRO B 78 -21.16 -4.17 10.98
CA PRO B 78 -20.85 -2.96 10.24
C PRO B 78 -21.28 -1.66 10.93
N THR B 79 -22.23 -1.73 11.87
CA THR B 79 -22.82 -0.51 12.44
C THR B 79 -22.60 -0.34 13.95
N GLU B 80 -21.89 -1.27 14.58
CA GLU B 80 -21.78 -1.31 16.05
C GLU B 80 -20.36 -1.66 16.48
N ALA B 81 -19.83 -0.87 17.41
CA ALA B 81 -18.51 -1.11 17.99
C ALA B 81 -18.56 -0.81 19.47
N VAL B 82 -17.47 -1.17 20.15
CA VAL B 82 -17.24 -0.76 21.54
C VAL B 82 -16.02 0.13 21.58
N ILE B 83 -16.22 1.35 22.08
CA ILE B 83 -15.18 2.37 22.17
C ILE B 83 -15.10 2.85 23.62
N ARG B 84 -13.94 2.71 24.25
CA ARG B 84 -13.78 3.11 25.67
C ARG B 84 -14.89 2.47 26.50
N GLY B 85 -15.20 1.19 26.23
CA GLY B 85 -16.21 0.44 26.99
C GLY B 85 -17.67 0.77 26.71
N LYS B 86 -17.91 1.64 25.75
CA LYS B 86 -19.25 2.16 25.44
C LYS B 86 -19.73 1.59 24.10
N ASP B 87 -20.88 0.92 24.14
CA ASP B 87 -21.52 0.41 22.90
C ASP B 87 -21.86 1.63 22.08
N THR B 88 -21.42 1.62 20.82
CA THR B 88 -21.45 2.84 20.02
C THR B 88 -21.93 2.49 18.62
N ILE B 89 -22.85 3.30 18.09
CA ILE B 89 -23.27 3.19 16.69
C ILE B 89 -22.24 3.84 15.79
N LEU B 90 -21.84 3.16 14.72
CA LEU B 90 -20.85 3.70 13.79
C LEU B 90 -21.59 4.41 12.67
N LEU B 91 -21.23 5.65 12.44
CA LEU B 91 -21.83 6.47 11.41
C LEU B 91 -20.76 7.31 10.79
N GLY B 92 -19.53 6.80 10.80
CA GLY B 92 -18.42 7.52 10.25
C GLY B 92 -17.47 6.57 9.54
N THR B 93 -18.01 5.65 8.75
CA THR B 93 -17.18 4.70 7.99
C THR B 93 -17.55 4.71 6.52
N TYR B 94 -16.70 4.11 5.71
CA TYR B 94 -17.05 3.95 4.29
C TYR B 94 -17.55 2.54 3.92
N ASN B 95 -18.10 1.80 4.88
CA ASN B 95 -18.60 0.45 4.66
C ASN B 95 -20.00 0.52 4.06
N TYR B 96 -20.12 1.28 2.96
CA TYR B 96 -21.46 1.69 2.39
C TYR B 96 -22.41 0.53 2.20
N MET B 97 -21.90 -0.61 1.78
CA MET B 97 -22.74 -1.76 1.50
C MET B 97 -22.68 -2.85 2.57
N GLY B 98 -22.02 -2.55 3.70
CA GLY B 98 -21.96 -3.45 4.84
C GLY B 98 -21.44 -4.82 4.54
N MET B 99 -20.38 -4.89 3.74
CA MET B 99 -19.89 -6.20 3.28
C MET B 99 -18.96 -6.89 4.25
N THR B 100 -18.47 -6.17 5.26
CA THR B 100 -17.33 -6.70 6.06
C THR B 100 -17.66 -7.90 6.94
N PHE B 101 -18.94 -8.14 7.24
CA PHE B 101 -19.37 -9.32 7.97
C PHE B 101 -20.23 -10.25 7.11
N ASP B 102 -20.26 -10.05 5.81
CA ASP B 102 -21.00 -10.95 4.92
C ASP B 102 -20.48 -12.40 5.05
N PRO B 103 -21.37 -13.37 5.27
CA PRO B 103 -20.88 -14.74 5.56
C PRO B 103 -20.12 -15.39 4.41
N ASP B 104 -20.48 -15.08 3.17
CA ASP B 104 -19.79 -15.65 2.02
C ASP B 104 -18.41 -15.03 1.90
N VAL B 105 -18.34 -13.73 2.14
CA VAL B 105 -17.06 -13.02 2.08
C VAL B 105 -16.13 -13.62 3.13
N ILE B 106 -16.62 -13.77 4.35
CA ILE B 106 -15.76 -14.28 5.44
C ILE B 106 -15.30 -15.72 5.16
N ALA B 107 -16.22 -16.55 4.64
CA ALA B 107 -15.85 -17.92 4.24
C ALA B 107 -14.77 -17.97 3.18
N ALA B 108 -14.86 -17.08 2.21
CA ALA B 108 -13.84 -17.02 1.16
C ALA B 108 -12.50 -16.63 1.72
N GLY B 109 -12.48 -15.73 2.73
CA GLY B 109 -11.23 -15.29 3.34
C GLY B 109 -10.60 -16.40 4.16
N LYS B 110 -11.42 -17.16 4.87
CA LYS B 110 -10.90 -18.28 5.66
C LYS B 110 -10.33 -19.36 4.76
N GLU B 111 -11.05 -19.70 3.68
CA GLU B 111 -10.59 -20.70 2.72
C GLU B 111 -9.27 -20.30 2.05
N ALA B 112 -9.11 -19.02 1.71
CA ALA B 112 -7.85 -18.55 1.11
C ALA B 112 -6.66 -18.63 2.06
N LEU B 113 -6.88 -18.27 3.32
CA LEU B 113 -5.83 -18.47 4.32
C LEU B 113 -5.41 -19.92 4.38
N GLU B 114 -6.41 -20.80 4.41
CA GLU B 114 -6.16 -22.24 4.50
C GLU B 114 -5.37 -22.77 3.29
N LYS B 115 -5.77 -22.34 2.11
CA LYS B 115 -5.24 -22.91 0.85
C LYS B 115 -3.97 -22.21 0.33
N PHE B 116 -3.82 -20.93 0.61
CA PHE B 116 -2.70 -20.16 0.07
C PHE B 116 -1.81 -19.45 1.10
N GLY B 117 -2.17 -19.53 2.38
CA GLY B 117 -1.38 -18.89 3.44
C GLY B 117 -1.71 -17.44 3.72
N SER B 118 -0.90 -16.83 4.58
CA SER B 118 -1.16 -15.46 5.08
C SER B 118 -0.66 -14.30 4.19
N GLY B 119 0.17 -14.59 3.19
CA GLY B 119 0.80 -13.56 2.37
C GLY B 119 1.39 -14.15 1.12
N THR B 120 1.79 -13.29 0.20
CA THR B 120 2.44 -13.73 -1.04
C THR B 120 3.95 -13.56 -1.06
N ASN B 121 4.50 -12.72 -0.19
CA ASN B 121 5.97 -12.48 -0.19
C ASN B 121 6.56 -12.09 -1.54
N GLY B 122 5.84 -11.29 -2.31
CA GLY B 122 6.39 -10.83 -3.55
C GLY B 122 5.52 -9.91 -4.35
N SER B 123 6.16 -9.20 -5.26
CA SER B 123 5.52 -8.36 -6.23
C SER B 123 4.68 -9.14 -7.23
N ARG B 124 3.63 -8.49 -7.72
CA ARG B 124 2.84 -9.07 -8.84
C ARG B 124 3.68 -9.38 -10.09
N MET B 125 4.78 -8.68 -10.27
CA MET B 125 5.67 -8.86 -11.42
C MET B 125 6.62 -10.04 -11.28
N LEU B 126 6.66 -10.65 -10.11
CA LEU B 126 7.53 -11.79 -9.85
C LEU B 126 6.68 -12.95 -9.34
N ASN B 127 6.77 -13.28 -8.06
CA ASN B 127 6.15 -14.46 -7.47
C ASN B 127 4.83 -14.19 -6.76
N GLY B 128 4.33 -12.95 -6.82
CA GLY B 128 3.15 -12.53 -6.02
C GLY B 128 1.79 -12.62 -6.65
N THR B 129 1.70 -13.23 -7.82
CA THR B 129 0.40 -13.39 -8.49
C THR B 129 -0.09 -14.83 -8.29
N PHE B 130 -1.04 -15.01 -7.41
CA PHE B 130 -1.66 -16.31 -7.12
C PHE B 130 -3.01 -16.38 -7.85
N HIS B 131 -3.63 -17.55 -7.82
CA HIS B 131 -4.96 -17.75 -8.37
C HIS B 131 -5.94 -16.60 -8.07
N ASP B 132 -6.01 -16.18 -6.80
CA ASP B 132 -7.00 -15.21 -6.38
C ASP B 132 -6.75 -13.78 -6.88
N HIS B 133 -5.51 -13.43 -7.20
CA HIS B 133 -5.23 -12.11 -7.80
C HIS B 133 -5.78 -12.05 -9.21
N MET B 134 -5.63 -13.13 -9.95
CA MET B 134 -6.24 -13.21 -11.28
C MET B 134 -7.76 -13.19 -11.20
N GLU B 135 -8.33 -13.89 -10.23
CA GLU B 135 -9.78 -13.91 -10.02
C GLU B 135 -10.33 -12.52 -9.72
N VAL B 136 -9.64 -11.77 -8.85
CA VAL B 136 -10.18 -10.45 -8.48
C VAL B 136 -10.12 -9.45 -9.66
N GLU B 137 -9.08 -9.52 -10.49
CA GLU B 137 -8.98 -8.67 -11.67
C GLU B 137 -10.09 -9.02 -12.67
N GLN B 138 -10.41 -10.32 -12.83
CA GLN B 138 -11.54 -10.70 -13.65
C GLN B 138 -12.87 -10.24 -13.07
N ALA B 139 -13.01 -10.27 -11.74
CA ALA B 139 -14.22 -9.78 -11.08
C ALA B 139 -14.44 -8.32 -11.42
N LEU B 140 -13.35 -7.55 -11.46
CA LEU B 140 -13.41 -6.13 -11.83
C LEU B 140 -13.81 -5.92 -13.28
N ARG B 141 -13.22 -6.70 -14.18
CA ARG B 141 -13.61 -6.65 -15.59
C ARG B 141 -15.10 -6.90 -15.74
N ASP B 142 -15.61 -7.89 -15.01
CA ASP B 142 -17.03 -8.23 -15.07
C ASP B 142 -17.91 -7.16 -14.45
N PHE B 143 -17.43 -6.58 -13.35
CA PHE B 143 -18.19 -5.57 -12.62
C PHE B 143 -18.36 -4.32 -13.46
N TYR B 144 -17.27 -3.87 -14.09
CA TYR B 144 -17.24 -2.62 -14.85
C TYR B 144 -17.49 -2.80 -16.35
N GLY B 145 -17.51 -4.03 -16.85
CA GLY B 145 -17.62 -4.29 -18.28
C GLY B 145 -16.44 -3.78 -19.08
N THR B 146 -15.22 -3.91 -18.53
CA THR B 146 -14.01 -3.44 -19.21
C THR B 146 -13.11 -4.60 -19.60
N THR B 147 -12.30 -4.39 -20.61
CA THR B 147 -11.27 -5.39 -20.95
C THR B 147 -10.06 -5.33 -20.01
N GLY B 148 -9.82 -4.17 -19.39
CA GLY B 148 -8.62 -3.97 -18.56
C GLY B 148 -8.92 -3.75 -17.09
N ALA B 149 -8.11 -4.36 -16.22
CA ALA B 149 -8.27 -4.17 -14.77
C ALA B 149 -6.95 -4.45 -14.10
N ILE B 150 -6.42 -3.45 -13.37
CA ILE B 150 -5.13 -3.56 -12.66
C ILE B 150 -5.35 -3.23 -11.20
N VAL B 151 -5.05 -4.19 -10.34
CA VAL B 151 -5.16 -4.03 -8.89
C VAL B 151 -3.84 -3.60 -8.29
N PHE B 152 -3.94 -2.66 -7.36
CA PHE B 152 -2.81 -2.10 -6.57
C PHE B 152 -3.02 -2.48 -5.11
N SER B 153 -1.97 -2.41 -4.30
CA SER B 153 -2.06 -2.84 -2.89
C SER B 153 -2.83 -1.84 -2.00
N THR B 154 -2.98 -0.58 -2.44
CA THR B 154 -3.91 0.35 -1.80
C THR B 154 -4.53 1.28 -2.87
N GLY B 155 -5.70 1.86 -2.54
CA GLY B 155 -6.28 2.90 -3.34
C GLY B 155 -5.36 4.11 -3.48
N TYR B 156 -4.70 4.49 -2.39
CA TYR B 156 -3.75 5.61 -2.40
C TYR B 156 -2.69 5.36 -3.49
N MET B 157 -2.13 4.15 -3.50
CA MET B 157 -1.09 3.79 -4.48
C MET B 157 -1.64 3.69 -5.90
N ALA B 158 -2.90 3.30 -6.08
CA ALA B 158 -3.54 3.30 -7.42
C ALA B 158 -3.53 4.74 -8.00
N ASN B 159 -3.98 5.69 -7.19
CA ASN B 159 -3.96 7.10 -7.65
C ASN B 159 -2.55 7.64 -7.79
N LEU B 160 -1.68 7.35 -6.82
CA LEU B 160 -0.30 7.81 -6.87
C LEU B 160 0.36 7.34 -8.17
N GLY B 161 0.19 6.05 -8.44
CA GLY B 161 0.81 5.40 -9.58
C GLY B 161 0.19 5.76 -10.91
N ILE B 162 -1.13 5.73 -11.01
CA ILE B 162 -1.77 5.95 -12.34
C ILE B 162 -1.51 7.36 -12.84
N ILE B 163 -1.56 8.33 -11.92
CA ILE B 163 -1.40 9.73 -12.32
C ILE B 163 0.03 10.03 -12.69
N SER B 164 0.97 9.55 -11.87
CA SER B 164 2.38 9.83 -12.09
C SER B 164 2.96 9.05 -13.25
N THR B 165 2.32 7.95 -13.64
CA THR B 165 2.83 7.12 -14.74
C THR B 165 2.21 7.55 -16.08
N LEU B 166 0.96 7.95 -16.08
CA LEU B 166 0.30 8.33 -17.36
C LEU B 166 0.80 9.64 -17.91
N ALA B 167 1.01 10.62 -17.03
CA ALA B 167 1.36 11.98 -17.45
C ALA B 167 2.81 12.28 -17.16
N GLY B 168 3.61 12.41 -18.22
CA GLY B 168 5.03 12.69 -18.08
C GLY B 168 5.40 14.13 -18.31
N LYS B 169 6.70 14.35 -18.41
CA LYS B 169 7.25 15.65 -18.63
C LYS B 169 6.66 16.27 -19.91
N GLY B 170 6.23 17.51 -19.82
CA GLY B 170 5.65 18.22 -20.95
C GLY B 170 4.17 17.91 -21.20
N GLU B 171 3.58 17.08 -20.34
CA GLU B 171 2.16 16.77 -20.40
C GLU B 171 1.43 17.44 -19.24
N TYR B 172 0.10 17.34 -19.21
CA TYR B 172 -0.70 18.08 -18.22
C TYR B 172 -1.65 17.17 -17.46
N VAL B 173 -1.75 17.41 -16.15
CA VAL B 173 -2.81 16.86 -15.31
C VAL B 173 -3.67 18.00 -14.81
N ILE B 174 -4.97 17.90 -15.09
CA ILE B 174 -5.94 18.94 -14.81
C ILE B 174 -6.93 18.35 -13.80
N LEU B 175 -6.97 18.89 -12.59
CA LEU B 175 -7.76 18.32 -11.51
C LEU B 175 -8.60 19.36 -10.75
N ASP B 176 -9.70 18.89 -10.18
CA ASP B 176 -10.59 19.71 -9.37
C ASP B 176 -9.84 20.11 -8.12
N ALA B 177 -10.04 21.36 -7.69
CA ALA B 177 -9.44 21.88 -6.46
C ALA B 177 -9.62 20.97 -5.23
N ASP B 178 -10.78 20.32 -5.11
CA ASP B 178 -11.12 19.48 -3.93
C ASP B 178 -10.80 17.99 -4.13
N SER B 179 -9.93 17.66 -5.10
CA SER B 179 -9.52 16.26 -5.31
C SER B 179 -8.88 15.68 -4.05
N HIS B 180 -9.08 14.38 -3.88
CA HIS B 180 -8.45 13.63 -2.79
C HIS B 180 -6.95 13.82 -2.71
N ALA B 181 -6.43 13.78 -1.48
CA ALA B 181 -5.00 13.87 -1.24
C ALA B 181 -4.13 12.97 -2.10
N SER B 182 -4.59 11.75 -2.34
CA SER B 182 -3.83 10.77 -3.10
C SER B 182 -3.63 11.19 -4.55
N ILE B 183 -4.60 11.95 -5.06
CA ILE B 183 -4.56 12.48 -6.43
C ILE B 183 -3.53 13.60 -6.49
N TYR B 184 -3.60 14.54 -5.55
CA TYR B 184 -2.53 15.56 -5.42
C TYR B 184 -1.15 14.92 -5.26
N ASP B 185 -1.07 13.86 -4.46
CA ASP B 185 0.23 13.20 -4.23
C ASP B 185 0.76 12.54 -5.51
N GLY B 186 -0.14 12.02 -6.34
CA GLY B 186 0.25 11.48 -7.64
C GLY B 186 0.82 12.57 -8.55
N CYS B 187 0.20 13.74 -8.51
CA CYS B 187 0.74 14.91 -9.25
C CYS B 187 2.14 15.29 -8.78
N GLN B 188 2.36 15.28 -7.47
CA GLN B 188 3.67 15.62 -6.89
C GLN B 188 4.73 14.58 -7.24
N GLN B 189 4.32 13.32 -7.31
CA GLN B 189 5.23 12.22 -7.64
C GLN B 189 5.68 12.26 -9.09
N GLY B 190 4.82 12.72 -9.99
CA GLY B 190 5.15 12.75 -11.42
C GLY B 190 5.86 14.03 -11.86
N ASN B 191 6.09 14.15 -13.17
CA ASN B 191 6.85 15.25 -13.74
C ASN B 191 6.04 16.15 -14.66
N ALA B 192 4.72 16.01 -14.61
CA ALA B 192 3.82 16.74 -15.49
C ALA B 192 3.52 18.14 -14.98
N GLU B 193 2.94 18.97 -15.84
CA GLU B 193 2.42 20.27 -15.44
C GLU B 193 1.05 20.08 -14.80
N ILE B 194 0.80 20.73 -13.67
CA ILE B 194 -0.43 20.55 -12.91
C ILE B 194 -1.30 21.80 -13.06
N VAL B 195 -2.56 21.61 -13.42
CA VAL B 195 -3.53 22.68 -13.56
C VAL B 195 -4.75 22.41 -12.67
N ARG B 196 -4.96 23.29 -11.69
CA ARG B 196 -6.09 23.12 -10.77
C ARG B 196 -7.22 24.02 -11.20
N PHE B 197 -8.43 23.49 -11.20
CA PHE B 197 -9.61 24.28 -11.55
C PHE B 197 -10.56 24.42 -10.35
N ARG B 198 -11.35 25.50 -10.36
CA ARG B 198 -12.26 25.80 -9.27
C ARG B 198 -13.24 24.67 -9.07
N HIS B 199 -13.44 24.34 -7.79
CA HIS B 199 -14.26 23.18 -7.44
C HIS B 199 -15.62 23.16 -8.14
N ASN B 200 -15.92 22.08 -8.84
CA ASN B 200 -17.21 21.87 -9.47
C ASN B 200 -17.54 22.84 -10.61
N SER B 201 -16.57 23.62 -11.04
CA SER B 201 -16.81 24.63 -12.07
C SER B 201 -16.51 24.16 -13.50
N VAL B 202 -17.58 23.88 -14.26
CA VAL B 202 -17.44 23.44 -15.63
C VAL B 202 -16.79 24.57 -16.43
N GLU B 203 -17.22 25.80 -16.18
CA GLU B 203 -16.68 26.96 -16.87
C GLU B 203 -15.18 27.14 -16.64
N ASP B 204 -14.76 27.00 -15.39
CA ASP B 204 -13.33 27.16 -15.09
C ASP B 204 -12.51 26.04 -15.71
N LEU B 205 -13.02 24.80 -15.69
CA LEU B 205 -12.33 23.73 -16.40
C LEU B 205 -12.10 24.09 -17.88
N ASP B 206 -13.16 24.54 -18.52
CA ASP B 206 -13.14 24.90 -19.95
C ASP B 206 -12.13 26.02 -20.20
N LYS B 207 -12.15 27.04 -19.37
CA LYS B 207 -11.24 28.18 -19.52
C LYS B 207 -9.79 27.77 -19.33
N ARG B 208 -9.51 26.96 -18.30
CA ARG B 208 -8.13 26.57 -18.05
C ARG B 208 -7.59 25.63 -19.16
N LEU B 209 -8.42 24.71 -19.64
CA LEU B 209 -8.00 23.81 -20.73
C LEU B 209 -7.74 24.59 -22.00
N GLY B 210 -8.60 25.56 -22.29
CA GLY B 210 -8.51 26.33 -23.52
C GLY B 210 -7.22 27.12 -23.65
N ARG B 211 -6.59 27.42 -22.52
CA ARG B 211 -5.36 28.22 -22.51
C ARG B 211 -4.10 27.41 -22.72
N LEU B 212 -4.21 26.08 -22.74
CA LEU B 212 -3.05 25.20 -22.87
C LEU B 212 -2.75 24.92 -24.34
N PRO B 213 -1.50 24.51 -24.65
CA PRO B 213 -1.16 24.12 -26.02
C PRO B 213 -1.88 22.85 -26.40
N LYS B 214 -2.25 22.73 -27.68
CA LYS B 214 -3.12 21.65 -28.12
C LYS B 214 -2.41 20.31 -28.17
N GLU B 215 -1.16 20.29 -28.61
CA GLU B 215 -0.52 19.00 -28.93
C GLU B 215 -0.21 18.09 -27.74
N PRO B 216 0.37 18.64 -26.65
CA PRO B 216 0.70 17.78 -25.53
C PRO B 216 -0.52 17.02 -25.00
N ALA B 217 -0.28 15.78 -24.63
CA ALA B 217 -1.33 14.94 -24.06
C ALA B 217 -1.74 15.46 -22.67
N LYS B 218 -3.00 15.25 -22.32
CA LYS B 218 -3.60 15.81 -21.12
C LYS B 218 -4.51 14.78 -20.43
N LEU B 219 -4.43 14.76 -19.11
CA LEU B 219 -5.32 13.95 -18.28
C LEU B 219 -6.18 14.83 -17.38
N VAL B 220 -7.49 14.79 -17.56
CA VAL B 220 -8.44 15.47 -16.69
C VAL B 220 -8.86 14.45 -15.63
N VAL B 221 -8.75 14.84 -14.36
CA VAL B 221 -9.05 13.96 -13.22
C VAL B 221 -10.26 14.51 -12.45
N LEU B 222 -11.29 13.65 -12.29
CA LEU B 222 -12.56 14.02 -11.66
C LEU B 222 -12.95 12.96 -10.62
N GLU B 223 -13.78 13.33 -9.66
CA GLU B 223 -14.42 12.37 -8.74
C GLU B 223 -15.92 12.34 -9.01
N GLY B 224 -16.54 11.17 -8.90
CA GLY B 224 -18.00 11.07 -9.01
C GLY B 224 -18.70 11.71 -7.80
N VAL B 225 -18.37 11.25 -6.60
CA VAL B 225 -18.94 11.77 -5.35
C VAL B 225 -17.76 12.32 -4.61
N TYR B 226 -17.89 13.57 -4.15
CA TYR B 226 -16.84 14.23 -3.40
C TYR B 226 -16.95 13.81 -1.91
N SER B 227 -15.85 13.38 -1.31
CA SER B 227 -15.90 12.70 0.00
C SER B 227 -16.20 13.59 1.23
N MET B 228 -15.93 14.90 1.16
CA MET B 228 -16.18 15.80 2.29
C MET B 228 -17.65 16.12 2.45
N LEU B 229 -18.22 16.78 1.44
CA LEU B 229 -19.59 17.25 1.52
C LEU B 229 -20.64 16.23 1.05
N GLY B 230 -20.22 15.21 0.32
CA GLY B 230 -21.17 14.21 -0.20
C GLY B 230 -21.99 14.67 -1.40
N ASP B 231 -21.52 15.70 -2.09
CA ASP B 231 -22.16 16.16 -3.32
C ASP B 231 -21.56 15.45 -4.54
N ILE B 232 -22.19 15.61 -5.70
CA ILE B 232 -21.84 14.90 -6.92
C ILE B 232 -21.25 15.84 -7.97
N ALA B 233 -20.32 15.34 -8.80
CA ALA B 233 -19.72 16.13 -9.89
C ALA B 233 -20.67 16.15 -11.05
N PRO B 234 -20.69 17.24 -11.81
CA PRO B 234 -21.39 17.28 -13.09
C PRO B 234 -20.54 16.64 -14.20
N LEU B 235 -20.38 15.32 -14.11
CA LEU B 235 -19.49 14.60 -14.99
C LEU B 235 -19.89 14.71 -16.44
N LYS B 236 -21.18 14.67 -16.73
CA LYS B 236 -21.64 14.72 -18.11
C LYS B 236 -21.07 15.97 -18.80
N GLU B 237 -21.20 17.10 -18.12
CA GLU B 237 -20.73 18.38 -18.65
C GLU B 237 -19.22 18.50 -18.64
N MET B 238 -18.58 18.05 -17.57
CA MET B 238 -17.12 18.10 -17.48
CA MET B 238 -17.11 18.08 -17.46
C MET B 238 -16.44 17.24 -18.54
N VAL B 239 -17.01 16.07 -18.81
CA VAL B 239 -16.43 15.14 -19.77
C VAL B 239 -16.57 15.68 -21.17
N ALA B 240 -17.71 16.29 -21.49
CA ALA B 240 -17.88 16.95 -22.79
C ALA B 240 -16.81 18.03 -23.01
N VAL B 241 -16.52 18.80 -21.97
CA VAL B 241 -15.47 19.83 -22.05
C VAL B 241 -14.09 19.24 -22.24
N ALA B 242 -13.78 18.20 -21.46
CA ALA B 242 -12.51 17.51 -21.60
C ALA B 242 -12.33 17.01 -23.03
N LYS B 243 -13.36 16.39 -23.60
CA LYS B 243 -13.23 15.80 -24.93
C LYS B 243 -13.10 16.86 -26.02
N LYS B 244 -13.76 17.99 -25.81
CA LYS B 244 -13.66 19.10 -26.75
C LYS B 244 -12.21 19.58 -26.88
N HIS B 245 -11.48 19.54 -25.77
CA HIS B 245 -10.08 19.97 -25.75
C HIS B 245 -9.09 18.84 -25.97
N GLY B 246 -9.61 17.64 -26.29
CA GLY B 246 -8.79 16.47 -26.64
C GLY B 246 -8.15 15.73 -25.47
N ALA B 247 -8.62 15.94 -24.25
CA ALA B 247 -8.00 15.30 -23.07
C ALA B 247 -8.56 13.91 -22.82
N MET B 248 -7.73 13.07 -22.21
CA MET B 248 -8.23 11.82 -21.65
C MET B 248 -8.83 12.11 -20.28
N VAL B 249 -9.71 11.22 -19.82
CA VAL B 249 -10.44 11.44 -18.57
C VAL B 249 -10.30 10.24 -17.63
N LEU B 250 -9.90 10.53 -16.39
CA LEU B 250 -9.90 9.57 -15.28
C LEU B 250 -10.96 10.01 -14.26
N VAL B 251 -11.83 9.10 -13.85
CA VAL B 251 -12.83 9.39 -12.84
C VAL B 251 -12.60 8.43 -11.66
N ASP B 252 -12.56 9.01 -10.45
CA ASP B 252 -12.51 8.23 -9.20
C ASP B 252 -13.93 7.95 -8.71
N GLU B 253 -14.31 6.65 -8.69
CA GLU B 253 -15.64 6.20 -8.22
C GLU B 253 -15.51 5.35 -6.92
N ALA B 254 -14.68 5.80 -5.99
CA ALA B 254 -14.54 5.15 -4.69
C ALA B 254 -15.80 5.26 -3.80
N HIS B 255 -16.56 6.34 -3.95
CA HIS B 255 -17.67 6.63 -3.03
C HIS B 255 -19.03 6.37 -3.65
N SER B 256 -19.05 5.57 -4.71
CA SER B 256 -20.30 5.34 -5.45
C SER B 256 -20.50 3.87 -5.79
N MET B 257 -19.54 3.02 -5.45
CA MET B 257 -19.55 1.64 -5.96
C MET B 257 -20.66 0.74 -5.40
N GLY B 258 -21.50 0.21 -6.30
CA GLY B 258 -22.61 -0.68 -5.94
C GLY B 258 -23.93 0.01 -5.77
N PHE B 259 -23.96 1.33 -5.86
CA PHE B 259 -25.20 2.07 -5.59
C PHE B 259 -25.49 3.30 -6.45
N PHE B 260 -24.71 3.53 -7.50
CA PHE B 260 -25.02 4.50 -8.56
C PHE B 260 -24.92 3.78 -9.91
N GLY B 261 -25.89 4.05 -10.79
CA GLY B 261 -25.93 3.48 -12.14
C GLY B 261 -26.61 2.12 -12.16
N PRO B 262 -27.12 1.69 -13.31
CA PRO B 262 -27.82 0.41 -13.33
C PRO B 262 -27.02 -0.79 -12.88
N ASN B 263 -25.70 -0.79 -13.14
CA ASN B 263 -24.85 -1.88 -12.70
C ASN B 263 -24.02 -1.55 -11.46
N GLY B 264 -24.29 -0.39 -10.87
CA GLY B 264 -23.57 0.04 -9.67
C GLY B 264 -22.17 0.54 -9.97
N ARG B 265 -21.90 0.95 -11.21
CA ARG B 265 -20.50 1.26 -11.59
C ARG B 265 -20.06 2.64 -11.12
N GLY B 266 -21.00 3.55 -10.86
CA GLY B 266 -20.64 4.88 -10.36
C GLY B 266 -21.51 5.99 -10.92
N VAL B 267 -21.15 7.21 -10.54
CA VAL B 267 -21.83 8.40 -11.04
C VAL B 267 -21.71 8.47 -12.56
N TYR B 268 -20.54 8.10 -13.12
CA TYR B 268 -20.37 8.17 -14.57
C TYR B 268 -21.39 7.31 -15.30
N GLU B 269 -21.71 6.15 -14.72
CA GLU B 269 -22.68 5.25 -15.30
C GLU B 269 -24.09 5.85 -15.18
N ALA B 270 -24.39 6.43 -14.03
CA ALA B 270 -25.71 7.04 -13.80
C ALA B 270 -25.97 8.19 -14.77
N GLN B 271 -24.92 8.93 -15.12
CA GLN B 271 -25.04 10.08 -16.02
C GLN B 271 -24.86 9.74 -17.50
N GLY B 272 -24.88 8.45 -17.84
CA GLY B 272 -24.90 8.02 -19.23
C GLY B 272 -23.57 8.06 -19.95
N LEU B 273 -22.45 7.99 -19.21
CA LEU B 273 -21.11 8.13 -19.79
C LEU B 273 -20.35 6.82 -20.07
N GLU B 274 -21.06 5.69 -20.00
CA GLU B 274 -20.52 4.40 -20.40
C GLU B 274 -19.84 4.51 -21.77
N GLY B 275 -18.58 4.08 -21.87
CA GLY B 275 -17.83 4.12 -23.11
C GLY B 275 -17.06 5.40 -23.38
N GLN B 276 -17.20 6.41 -22.52
CA GLN B 276 -16.57 7.72 -22.74
C GLN B 276 -15.52 8.07 -21.71
N ILE B 277 -15.34 7.23 -20.70
CA ILE B 277 -14.38 7.48 -19.63
C ILE B 277 -13.15 6.61 -19.90
N ASP B 278 -11.99 7.22 -20.08
CA ASP B 278 -10.79 6.45 -20.42
C ASP B 278 -10.35 5.51 -19.28
N PHE B 279 -10.36 6.03 -18.05
CA PHE B 279 -9.93 5.27 -16.87
C PHE B 279 -10.86 5.53 -15.69
N VAL B 280 -11.22 4.47 -14.99
CA VAL B 280 -11.95 4.59 -13.72
C VAL B 280 -11.06 4.03 -12.60
N VAL B 281 -10.89 4.81 -11.53
CA VAL B 281 -10.10 4.37 -10.38
C VAL B 281 -11.05 4.12 -9.21
N GLY B 282 -10.77 3.09 -8.43
CA GLY B 282 -11.53 2.83 -7.24
C GLY B 282 -10.70 2.19 -6.16
N THR B 283 -11.42 1.77 -5.12
CA THR B 283 -10.81 1.19 -3.93
C THR B 283 -11.51 -0.13 -3.58
N PHE B 284 -10.80 -0.97 -2.84
CA PHE B 284 -11.38 -2.13 -2.17
C PHE B 284 -11.79 -1.84 -0.70
N SER B 285 -11.51 -0.64 -0.18
CA SER B 285 -11.66 -0.41 1.25
CA SER B 285 -11.65 -0.37 1.26
C SER B 285 -13.04 0.13 1.65
N ALA B 286 -13.86 0.56 0.68
CA ALA B 286 -15.16 1.14 0.99
C ALA B 286 -16.23 0.06 0.77
N SER B 287 -17.02 0.12 -0.30
CA SER B 287 -18.07 -0.87 -0.51
C SER B 287 -17.58 -2.32 -0.50
N VAL B 288 -16.42 -2.56 -1.10
CA VAL B 288 -15.86 -3.92 -1.17
C VAL B 288 -15.54 -4.50 0.23
N GLY B 289 -15.07 -3.67 1.14
CA GLY B 289 -14.89 -4.06 2.52
C GLY B 289 -13.61 -4.77 2.84
N THR B 290 -12.55 -4.51 2.08
CA THR B 290 -11.22 -5.08 2.42
C THR B 290 -10.14 -4.01 2.37
N VAL B 291 -9.09 -4.21 1.57
CA VAL B 291 -8.09 -3.16 1.32
C VAL B 291 -7.55 -3.35 -0.08
N GLY B 292 -7.08 -2.27 -0.71
CA GLY B 292 -6.58 -2.35 -2.09
C GLY B 292 -7.12 -1.24 -2.97
N GLY B 293 -6.51 -1.07 -4.13
CA GLY B 293 -7.02 -0.13 -5.13
C GLY B 293 -7.08 -0.77 -6.49
N PHE B 294 -7.68 -0.05 -7.43
CA PHE B 294 -7.70 -0.55 -8.79
C PHE B 294 -7.91 0.55 -9.80
N VAL B 295 -7.53 0.25 -11.04
CA VAL B 295 -7.91 1.06 -12.19
C VAL B 295 -8.44 0.11 -13.28
N VAL B 296 -9.55 0.52 -13.90
CA VAL B 296 -10.13 -0.20 -15.03
C VAL B 296 -10.20 0.69 -16.27
N SER B 297 -10.17 0.07 -17.44
CA SER B 297 -10.09 0.78 -18.72
C SER B 297 -10.37 -0.19 -19.86
N ASN B 298 -10.78 0.36 -20.99
CA ASN B 298 -10.86 -0.37 -22.24
C ASN B 298 -9.69 -0.06 -23.19
N HIS B 299 -8.72 0.76 -22.77
CA HIS B 299 -7.60 1.14 -23.65
C HIS B 299 -6.80 -0.12 -24.07
N PRO B 300 -6.53 -0.29 -25.37
CA PRO B 300 -5.86 -1.54 -25.77
C PRO B 300 -4.44 -1.75 -25.25
N LYS B 301 -3.76 -0.67 -24.85
CA LYS B 301 -2.42 -0.77 -24.29
C LYS B 301 -2.42 -0.73 -22.76
N PHE B 302 -3.58 -0.84 -22.13
CA PHE B 302 -3.69 -0.70 -20.68
C PHE B 302 -2.81 -1.64 -19.89
N GLU B 303 -2.65 -2.89 -20.34
CA GLU B 303 -1.76 -3.87 -19.66
C GLU B 303 -0.32 -3.41 -19.52
N ALA B 304 0.13 -2.54 -20.42
CA ALA B 304 1.49 -2.05 -20.37
C ALA B 304 1.73 -1.14 -19.18
N VAL B 305 0.66 -0.62 -18.55
CA VAL B 305 0.85 0.14 -17.32
C VAL B 305 1.58 -0.71 -16.26
N ARG B 306 1.33 -2.02 -16.23
CA ARG B 306 2.02 -2.92 -15.30
C ARG B 306 3.56 -2.83 -15.46
N LEU B 307 4.02 -2.62 -16.68
CA LEU B 307 5.45 -2.65 -17.00
C LEU B 307 6.17 -1.38 -16.57
N ALA B 308 5.43 -0.30 -16.36
CA ALA B 308 5.97 1.03 -16.13
C ALA B 308 5.68 1.61 -14.76
N CYS B 309 4.63 1.13 -14.09
CA CYS B 309 4.09 1.81 -12.92
C CYS B 309 4.77 1.39 -11.61
N ARG B 310 5.57 2.29 -11.07
CA ARG B 310 6.40 1.99 -9.92
C ARG B 310 5.64 1.53 -8.66
N PRO B 311 4.50 2.19 -8.30
CA PRO B 311 3.76 1.68 -7.16
C PRO B 311 3.04 0.34 -7.38
N TYR B 312 2.94 -0.14 -8.61
CA TYR B 312 2.46 -1.49 -8.91
C TYR B 312 3.62 -2.49 -8.81
N ILE B 313 4.77 -2.11 -9.37
CA ILE B 313 5.92 -3.01 -9.46
C ILE B 313 6.59 -3.23 -8.11
N PHE B 314 6.84 -2.15 -7.38
CA PHE B 314 7.80 -2.16 -6.27
C PHE B 314 7.16 -2.28 -4.88
N THR B 315 6.19 -3.21 -4.80
CA THR B 315 5.52 -3.49 -3.54
C THR B 315 4.99 -4.93 -3.59
N ALA B 316 4.84 -5.58 -2.45
CA ALA B 316 4.24 -6.89 -2.42
C ALA B 316 2.76 -6.85 -2.83
N SER B 317 2.31 -7.88 -3.50
CA SER B 317 0.88 -8.01 -3.77
C SER B 317 0.10 -8.29 -2.48
N LEU B 318 -1.23 -8.16 -2.58
CA LEU B 318 -2.09 -8.33 -1.43
C LEU B 318 -2.17 -9.80 -0.98
N PRO B 319 -2.37 -10.04 0.32
CA PRO B 319 -2.55 -11.42 0.78
C PRO B 319 -3.68 -12.14 0.10
N PRO B 320 -3.56 -13.46 -0.04
CA PRO B 320 -4.62 -14.24 -0.69
C PRO B 320 -6.01 -13.99 -0.08
N SER B 321 -6.09 -13.85 1.25
CA SER B 321 -7.39 -13.64 1.91
C SER B 321 -8.00 -12.33 1.50
N VAL B 322 -7.17 -11.33 1.23
CA VAL B 322 -7.66 -10.01 0.86
C VAL B 322 -8.24 -10.01 -0.55
N VAL B 323 -7.55 -10.62 -1.51
CA VAL B 323 -8.07 -10.70 -2.86
C VAL B 323 -9.23 -11.69 -3.00
N ALA B 324 -9.28 -12.74 -2.18
CA ALA B 324 -10.41 -13.66 -2.22
C ALA B 324 -11.64 -12.99 -1.64
N THR B 325 -11.49 -12.34 -0.49
CA THR B 325 -12.64 -11.62 0.07
C THR B 325 -13.13 -10.58 -0.92
N ALA B 326 -12.21 -9.86 -1.55
CA ALA B 326 -12.59 -8.82 -2.48
C ALA B 326 -13.34 -9.41 -3.69
N THR B 327 -12.86 -10.53 -4.22
CA THR B 327 -13.52 -11.21 -5.35
C THR B 327 -15.00 -11.50 -5.02
N THR B 328 -15.21 -12.15 -3.88
CA THR B 328 -16.53 -12.55 -3.46
C THR B 328 -17.43 -11.32 -3.26
N SER B 329 -16.89 -10.29 -2.61
CA SER B 329 -17.66 -9.12 -2.34
C SER B 329 -18.05 -8.38 -3.63
N ILE B 330 -17.10 -8.22 -4.54
CA ILE B 330 -17.36 -7.55 -5.80
C ILE B 330 -18.47 -8.30 -6.56
N ARG B 331 -18.38 -9.62 -6.63
CA ARG B 331 -19.38 -10.37 -7.37
C ARG B 331 -20.75 -10.19 -6.74
N LYS B 332 -20.83 -10.22 -5.41
CA LYS B 332 -22.12 -10.03 -4.73
C LYS B 332 -22.64 -8.62 -4.98
N LEU B 333 -21.74 -7.64 -5.05
CA LEU B 333 -22.13 -6.25 -5.28
C LEU B 333 -22.81 -6.04 -6.64
N MET B 334 -22.55 -6.90 -7.61
CA MET B 334 -23.18 -6.80 -8.92
C MET B 334 -24.70 -6.90 -8.85
N THR B 335 -25.22 -7.62 -7.87
CA THR B 335 -26.66 -7.83 -7.79
C THR B 335 -27.23 -7.58 -6.39
N ALA B 336 -26.58 -6.74 -5.58
CA ALA B 336 -26.98 -6.53 -4.18
C ALA B 336 -28.13 -5.54 -4.04
N HIS B 337 -29.26 -5.87 -4.66
CA HIS B 337 -30.41 -4.99 -4.70
C HIS B 337 -30.95 -4.63 -3.33
N GLU B 338 -31.07 -5.62 -2.43
CA GLU B 338 -31.66 -5.35 -1.14
C GLU B 338 -30.78 -4.37 -0.34
N LYS B 339 -29.46 -4.58 -0.38
CA LYS B 339 -28.55 -3.66 0.29
C LYS B 339 -28.60 -2.26 -0.31
N ARG B 340 -28.63 -2.17 -1.63
CA ARG B 340 -28.68 -0.87 -2.30
C ARG B 340 -29.91 -0.09 -1.87
N GLU B 341 -31.05 -0.79 -1.78
CA GLU B 341 -32.29 -0.12 -1.44
C GLU B 341 -32.26 0.34 0.01
N ARG B 342 -31.70 -0.48 0.90
CA ARG B 342 -31.59 -0.07 2.30
C ARG B 342 -30.66 1.15 2.41
N LEU B 343 -29.54 1.11 1.70
CA LEU B 343 -28.60 2.25 1.70
C LEU B 343 -29.30 3.56 1.38
N TRP B 344 -30.04 3.60 0.27
CA TRP B 344 -30.69 4.83 -0.17
C TRP B 344 -31.82 5.26 0.77
N SER B 345 -32.55 4.31 1.32
CA SER B 345 -33.62 4.62 2.28
C SER B 345 -33.04 5.25 3.55
N ASN B 346 -31.94 4.66 4.02
CA ASN B 346 -31.22 5.19 5.18
C ASN B 346 -30.68 6.59 4.94
N ALA B 347 -30.07 6.79 3.78
CA ALA B 347 -29.51 8.11 3.41
C ALA B 347 -30.61 9.17 3.41
N ARG B 348 -31.73 8.84 2.78
CA ARG B 348 -32.85 9.78 2.67
C ARG B 348 -33.45 10.09 4.04
N ALA B 349 -33.57 9.09 4.90
CA ALA B 349 -34.08 9.28 6.28
C ALA B 349 -33.17 10.22 7.10
N LEU B 350 -31.87 9.96 7.05
CA LEU B 350 -30.91 10.79 7.78
C LEU B 350 -30.84 12.23 7.25
N HIS B 351 -30.71 12.36 5.93
CA HIS B 351 -30.58 13.68 5.33
C HIS B 351 -31.83 14.50 5.61
N GLY B 352 -32.99 13.89 5.37
CA GLY B 352 -34.28 14.54 5.63
C GLY B 352 -34.47 14.93 7.08
N GLY B 353 -34.13 14.03 7.99
CA GLY B 353 -34.26 14.30 9.43
C GLY B 353 -33.38 15.41 9.96
N LEU B 354 -32.10 15.41 9.57
CA LEU B 354 -31.17 16.44 10.02
C LEU B 354 -31.54 17.79 9.42
N LYS B 355 -31.96 17.79 8.16
CA LYS B 355 -32.38 19.03 7.49
C LYS B 355 -33.61 19.62 8.18
N ALA B 356 -34.61 18.78 8.47
CA ALA B 356 -35.86 19.26 9.05
C ALA B 356 -35.66 19.83 10.46
N MET B 357 -34.64 19.34 11.14
CA MET B 357 -34.26 19.71 12.50
C MET B 357 -33.57 21.05 12.60
N GLY B 358 -33.06 21.52 11.46
CA GLY B 358 -32.44 22.84 11.39
C GLY B 358 -30.94 22.87 11.20
N PHE B 359 -30.33 21.71 10.96
CA PHE B 359 -28.91 21.67 10.66
C PHE B 359 -28.63 22.20 9.26
N ARG B 360 -27.50 22.89 9.10
CA ARG B 360 -27.00 23.24 7.78
C ARG B 360 -26.19 22.06 7.26
N LEU B 361 -26.59 21.54 6.11
CA LEU B 361 -25.94 20.38 5.52
C LEU B 361 -25.12 20.78 4.30
N GLY B 362 -24.19 19.90 3.93
CA GLY B 362 -23.34 20.11 2.77
C GLY B 362 -24.10 20.07 1.45
N THR B 363 -25.27 19.43 1.46
CA THR B 363 -26.08 19.28 0.26
C THR B 363 -27.53 19.60 0.60
N GLU B 364 -28.23 20.26 -0.34
CA GLU B 364 -29.65 20.58 -0.17
C GLU B 364 -30.55 19.37 -0.38
N THR B 365 -30.12 18.44 -1.25
CA THR B 365 -30.86 17.20 -1.49
C THR B 365 -29.97 16.00 -1.18
N CYS B 366 -30.59 14.85 -0.94
CA CYS B 366 -29.84 13.65 -0.60
C CYS B 366 -29.27 13.02 -1.88
N ASP B 367 -27.99 13.29 -2.13
CA ASP B 367 -27.34 12.96 -3.40
C ASP B 367 -26.36 11.76 -3.33
N SER B 368 -26.03 11.34 -2.12
CA SER B 368 -25.07 10.26 -1.92
C SER B 368 -25.30 9.64 -0.55
N ALA B 369 -24.46 8.69 -0.16
CA ALA B 369 -24.51 8.08 1.18
C ALA B 369 -23.79 8.88 2.26
N ILE B 370 -23.20 10.01 1.88
CA ILE B 370 -22.52 10.90 2.83
C ILE B 370 -23.41 12.10 3.12
N VAL B 371 -23.64 12.38 4.40
CA VAL B 371 -24.37 13.56 4.87
C VAL B 371 -23.42 14.37 5.75
N ALA B 372 -23.12 15.60 5.35
CA ALA B 372 -22.22 16.46 6.09
C ALA B 372 -23.00 17.53 6.84
N VAL B 373 -22.77 17.62 8.15
CA VAL B 373 -23.36 18.65 9.00
C VAL B 373 -22.31 19.74 9.15
N MET B 374 -22.68 20.96 8.78
CA MET B 374 -21.73 22.07 8.72
C MET B 374 -21.86 22.90 9.97
N LEU B 375 -20.73 23.14 10.62
CA LEU B 375 -20.71 23.94 11.84
C LEU B 375 -19.86 25.20 11.66
N GLU B 376 -19.99 26.13 12.60
CA GLU B 376 -19.37 27.44 12.47
C GLU B 376 -17.86 27.47 12.74
N ASP B 377 -17.43 26.72 13.74
CA ASP B 377 -16.12 26.82 14.36
C ASP B 377 -15.49 25.44 14.50
N GLN B 378 -14.16 25.38 14.58
CA GLN B 378 -13.47 24.18 15.08
C GLN B 378 -14.05 23.77 16.42
N GLU B 379 -14.37 24.76 17.26
CA GLU B 379 -14.86 24.52 18.61
C GLU B 379 -16.25 23.88 18.63
N GLN B 380 -17.17 24.44 17.84
CA GLN B 380 -18.54 23.94 17.77
C GLN B 380 -18.59 22.51 17.23
N ALA B 381 -17.74 22.23 16.23
CA ALA B 381 -17.65 20.90 15.67
C ALA B 381 -17.15 19.90 16.72
N ALA B 382 -16.13 20.31 17.47
CA ALA B 382 -15.54 19.46 18.50
C ALA B 382 -16.51 19.14 19.64
N MET B 383 -17.24 20.14 20.13
CA MET B 383 -18.21 19.91 21.23
C MET B 383 -19.35 18.99 20.80
N MET B 384 -19.82 19.21 19.57
CA MET B 384 -20.82 18.38 18.93
C MET B 384 -20.35 16.92 18.83
N TRP B 385 -19.17 16.75 18.29
CA TRP B 385 -18.57 15.45 18.10
C TRP B 385 -18.44 14.71 19.42
N GLN B 386 -17.97 15.45 20.44
CA GLN B 386 -17.77 14.89 21.77
C GLN B 386 -19.07 14.45 22.39
N ALA B 387 -20.11 15.29 22.26
CA ALA B 387 -21.40 14.97 22.83
C ALA B 387 -22.01 13.74 22.16
N LEU B 388 -21.87 13.65 20.83
CA LEU B 388 -22.37 12.46 20.13
C LEU B 388 -21.63 11.22 20.60
N LEU B 389 -20.31 11.31 20.68
CA LEU B 389 -19.48 10.21 21.13
C LEU B 389 -19.90 9.75 22.53
N ASP B 390 -20.02 10.70 23.45
CA ASP B 390 -20.35 10.39 24.85
C ASP B 390 -21.74 9.77 24.96
N GLY B 391 -22.63 10.10 24.04
CA GLY B 391 -23.98 9.50 23.96
C GLY B 391 -24.13 8.21 23.16
N GLY B 392 -23.04 7.71 22.60
CA GLY B 392 -23.01 6.41 21.93
C GLY B 392 -23.09 6.45 20.42
N LEU B 393 -22.57 7.52 19.81
CA LEU B 393 -22.54 7.65 18.35
C LEU B 393 -21.19 8.16 17.86
N TYR B 394 -20.55 7.42 16.96
CA TYR B 394 -19.31 7.84 16.32
C TYR B 394 -19.61 8.43 14.93
N VAL B 395 -19.19 9.68 14.72
CA VAL B 395 -19.15 10.29 13.41
C VAL B 395 -17.73 10.84 13.17
N ASN B 396 -17.42 11.16 11.93
CA ASN B 396 -16.13 11.77 11.59
C ASN B 396 -16.19 13.28 11.69
N MET B 397 -15.16 13.83 12.29
CA MET B 397 -14.97 15.25 12.35
C MET B 397 -13.87 15.54 11.35
N ALA B 398 -14.00 16.61 10.56
CA ALA B 398 -12.97 17.01 9.63
C ALA B 398 -12.64 18.50 9.79
N LEU B 409 -16.89 20.48 10.02
CA LEU B 409 -17.94 19.56 9.64
C LEU B 409 -17.95 18.27 10.42
N LEU B 410 -19.13 17.68 10.53
CA LEU B 410 -19.29 16.31 10.97
C LEU B 410 -19.78 15.50 9.80
N ARG B 411 -19.01 14.52 9.41
CA ARG B 411 -19.36 13.69 8.29
C ARG B 411 -19.99 12.39 8.76
N CYS B 412 -21.23 12.22 8.34
CA CYS B 412 -22.02 11.08 8.68
C CYS B 412 -22.12 10.28 7.39
N SER B 413 -21.92 8.98 7.49
CA SER B 413 -22.06 8.11 6.34
CA SER B 413 -22.06 8.13 6.34
C SER B 413 -22.90 6.96 6.79
N ILE B 414 -23.96 6.69 6.05
CA ILE B 414 -24.80 5.56 6.38
C ILE B 414 -24.30 4.34 5.64
N CYS B 415 -24.77 3.18 6.05
CA CYS B 415 -24.55 2.00 5.27
C CYS B 415 -25.80 1.17 5.15
N ALA B 416 -25.72 0.22 4.24
CA ALA B 416 -26.86 -0.65 3.91
C ALA B 416 -27.35 -1.49 5.08
N GLU B 417 -26.55 -1.63 6.12
CA GLU B 417 -26.92 -2.49 7.23
C GLU B 417 -27.33 -1.73 8.49
N HIS B 418 -27.44 -0.40 8.41
CA HIS B 418 -28.15 0.33 9.45
C HIS B 418 -29.62 -0.05 9.35
N THR B 419 -30.27 -0.20 10.49
CA THR B 419 -31.70 -0.47 10.51
C THR B 419 -32.46 0.85 10.63
N PRO B 420 -33.76 0.85 10.25
CA PRO B 420 -34.62 1.99 10.51
C PRO B 420 -34.61 2.45 11.98
N ALA B 421 -34.61 1.51 12.93
CA ALA B 421 -34.53 1.83 14.35
C ALA B 421 -33.23 2.58 14.69
N GLN B 422 -32.09 2.12 14.16
CA GLN B 422 -30.82 2.81 14.38
C GLN B 422 -30.82 4.22 13.83
N ILE B 423 -31.41 4.42 12.66
CA ILE B 423 -31.51 5.75 12.07
C ILE B 423 -32.36 6.70 12.95
N GLN B 424 -33.49 6.22 13.46
CA GLN B 424 -34.30 7.02 14.39
C GLN B 424 -33.54 7.33 15.68
N THR B 425 -32.77 6.35 16.20
CA THR B 425 -31.90 6.61 17.35
C THR B 425 -30.89 7.71 17.05
N VAL B 426 -30.23 7.62 15.90
CA VAL B 426 -29.23 8.63 15.50
C VAL B 426 -29.83 10.02 15.43
N LEU B 427 -31.03 10.10 14.85
CA LEU B 427 -31.73 11.37 14.74
C LEU B 427 -32.02 12.00 16.10
N GLY B 428 -32.44 11.20 17.06
CA GLY B 428 -32.66 11.69 18.43
C GLY B 428 -31.37 12.19 19.07
N MET B 429 -30.30 11.44 18.88
CA MET B 429 -28.97 11.79 19.42
C MET B 429 -28.51 13.14 18.84
N PHE B 430 -28.73 13.34 17.55
CA PHE B 430 -28.39 14.61 16.90
C PHE B 430 -29.19 15.79 17.42
N GLN B 431 -30.50 15.61 17.58
CA GLN B 431 -31.32 16.70 18.10
C GLN B 431 -30.87 17.10 19.51
N ALA B 432 -30.66 16.11 20.38
CA ALA B 432 -30.29 16.38 21.76
C ALA B 432 -28.95 17.09 21.82
N ALA B 433 -27.97 16.57 21.09
CA ALA B 433 -26.64 17.15 21.09
C ALA B 433 -26.63 18.54 20.44
N GLY B 434 -27.37 18.71 19.34
CA GLY B 434 -27.44 19.99 18.67
C GLY B 434 -28.04 21.07 19.55
N ARG B 435 -29.04 20.69 20.34
CA ARG B 435 -29.68 21.61 21.29
C ARG B 435 -28.73 21.94 22.44
N ALA B 436 -28.09 20.92 22.98
CA ALA B 436 -27.17 21.10 24.11
C ALA B 436 -25.98 22.01 23.75
N VAL B 437 -25.44 21.86 22.55
CA VAL B 437 -24.31 22.66 22.08
C VAL B 437 -24.79 24.01 21.53
N GLY B 438 -26.08 24.09 21.20
CA GLY B 438 -26.69 25.30 20.66
C GLY B 438 -26.66 25.31 19.15
N1 PLP C . 12.49 -1.83 1.41
C2 PLP C . 13.14 -2.74 0.64
C2A PLP C . 14.65 -2.78 0.71
C3 PLP C . 12.41 -3.60 -0.18
O3 PLP C . 13.09 -4.50 -0.94
C4 PLP C . 11.02 -3.55 -0.23
C4A PLP C . 10.29 -4.50 -1.16
C5 PLP C . 10.39 -2.59 0.59
C6 PLP C . 11.16 -1.75 1.40
C5A PLP C . 8.92 -2.38 0.69
O4P PLP C . 8.02 -3.18 -0.06
P PLP C . 6.58 -3.84 0.39
O1P PLP C . 5.77 -2.67 0.00
O2P PLP C . 6.61 -4.98 -0.60
O3P PLP C . 6.43 -4.18 1.85
N2 MYB D . 10.93 -5.25 -1.98
C7 MYB D . 9.07 -6.77 -2.44
C6 MYB D . 10.40 -6.23 -2.97
C13 MYB D . 11.23 -6.67 -10.56
C8 MYB D . 10.18 -5.69 -4.41
C14 MYB D . 10.67 -5.94 -11.78
C12 MYB D . 10.53 -6.24 -9.27
C11 MYB D . 11.44 -6.32 -8.03
C10 MYB D . 10.72 -5.69 -6.85
O5 MYB D . 12.44 -5.55 -5.16
O4 MYB D . 8.05 -5.84 -2.82
OAJ MYB D . 10.11 -4.27 -4.44
CBN MYB D . 11.19 -6.14 -5.45
C1 GOL E . 30.95 -8.84 -1.16
O1 GOL E . 31.42 -9.51 -2.35
C2 GOL E . 31.06 -9.67 0.13
O2 GOL E . 30.47 -10.97 0.00
C3 GOL E . 32.52 -9.86 0.51
O3 GOL E . 32.60 -10.59 1.74
C1 GOL F . 24.08 -16.38 11.43
O1 GOL F . 25.50 -16.20 11.29
C2 GOL F . 23.71 -16.26 12.89
O2 GOL F . 23.72 -14.87 13.24
C3 GOL F . 22.31 -16.81 13.16
O3 GOL F . 22.27 -18.23 13.17
N1 PLP G . -10.08 8.21 -3.81
C2 PLP G . -10.83 8.90 -2.93
C2A PLP G . -11.70 10.01 -3.45
C3 PLP G . -10.81 8.60 -1.57
O3 PLP G . -11.61 9.34 -0.75
C4 PLP G . -10.00 7.55 -1.09
C4A PLP G . -9.97 7.27 0.40
C5 PLP G . -9.22 6.86 -2.07
C6 PLP G . -9.30 7.21 -3.41
C5A PLP G . -8.28 5.72 -1.85
O4P PLP G . -8.15 5.22 -0.55
P PLP G . -7.67 3.82 0.12
O1P PLP G . -6.17 3.91 -0.01
O2P PLP G . -8.22 4.23 1.46
O3P PLP G . -8.32 2.63 -0.49
N2 MYB H . -10.52 8.06 1.25
C7 MYB H . -10.41 6.46 3.11
C6 MYB H . -10.57 7.93 2.74
C13 MYB H . -8.18 12.05 8.28
C8 MYB H . -9.47 8.73 3.48
C14 MYB H . -7.56 13.19 9.08
C12 MYB H . -8.19 12.35 6.77
C11 MYB H . -9.34 11.68 6.00
C10 MYB H . -8.89 10.48 5.18
O5 MYB H . -9.99 11.03 3.06
O4 MYB H . -9.00 6.16 3.20
OAJ MYB H . -8.36 9.05 2.65
CBN MYB H . -9.91 10.05 4.10
#